data_5BR0
#
_entry.id   5BR0
#
_cell.length_a   114.020
_cell.length_b   114.020
_cell.length_c   164.440
_cell.angle_alpha   90.000
_cell.angle_beta   90.000
_cell.angle_gamma   120.000
#
_symmetry.space_group_name_H-M   'P 3'
#
loop_
_entity.id
_entity.type
_entity.pdbx_description
1 polymer 'HEMAGGLUTININ HA1 CHAIN'
2 polymer 'HEMAGGLUTININ HA2 CHAIN'
3 branched alpha-D-mannopyranose-(1-3)-[alpha-D-mannopyranose-(1-6)]beta-D-mannopyranose-(1-4)-2-acetamido-2-deoxy-beta-D-glucopyranose-(1-4)-[alpha-L-fucopyranose-(1-3)]2-acetamido-2-deoxy-beta-D-glucopyranose
4 non-polymer 2-acetamido-2-deoxy-beta-D-glucopyranose
5 water water
#
loop_
_entity_poly.entity_id
_entity_poly.type
_entity_poly.pdbx_seq_one_letter_code
_entity_poly.pdbx_strand_id
1 'polypeptide(L)'
;DKICIGYHANNSTTQVDTLLEKNVTVTHSVELLENQKEKRFCKIMNKAPLDLKDCTIEGWILGNPKCDLLLGDQSWSYIV
ERPNAQNGICYPGVLNELEELKAFIGSGERVERFEMFPKSTWAGVDTSRGVTNACPSYTIDSSFYRNLVWIVKTDSATYP
VIKGTYNNTGTQPILYFWGVHHPLDTTVQDNLYGSGDKYVRMGTESMNFAKSPEIAARPAVNGQRSRIDYYWSVLRPGET
LNVESNGNLIAPWYAYKFVSTNKKGAVFKSDLPIENCDATCQTITGVLRTNKTFQNVSPLWIGECPKYVKSESLRLATGL
RNVPQI
;
A,C
2 'polypeptide(L)'
;GIFGAIAGFIEGGWTGMIDGWYGYHHENSQGSGYAADRESTQKAIDGITNKVNSIINKMNTQFEAVDHEFSNLERRIGNL
NKRMEDGFLDVWTYNAELLVLLENERTLDLHDANVKNLYEKVKSQLRDNANDLGNGCFEFWHKCDNECMESVKNGTYDYP
KYQKESKLNRQ
;
B,D
#
# COMPACT_ATOMS: atom_id res chain seq x y z
N ASP A 1 -28.72 -98.60 16.54
CA ASP A 1 -28.61 -97.72 15.37
C ASP A 1 -29.58 -96.53 15.46
N LYS A 2 -29.03 -95.32 15.35
CA LYS A 2 -29.80 -94.10 15.60
C LYS A 2 -29.43 -92.99 14.64
N ILE A 3 -30.39 -92.11 14.36
CA ILE A 3 -30.08 -90.84 13.71
C ILE A 3 -30.90 -89.74 14.40
N CYS A 4 -30.26 -88.61 14.64
CA CYS A 4 -30.89 -87.48 15.32
C CYS A 4 -30.81 -86.23 14.46
N ILE A 5 -31.79 -85.35 14.61
CA ILE A 5 -31.78 -84.06 13.93
C ILE A 5 -31.46 -83.01 14.98
N GLY A 6 -30.62 -82.05 14.64
CA GLY A 6 -30.20 -81.07 15.61
C GLY A 6 -29.61 -79.82 15.01
N TYR A 7 -29.10 -78.95 15.87
CA TYR A 7 -28.64 -77.64 15.42
C TYR A 7 -27.33 -77.22 16.09
N HIS A 8 -26.68 -76.26 15.45
CA HIS A 8 -25.35 -75.78 15.84
C HIS A 8 -25.35 -75.05 17.18
N ALA A 9 -24.31 -75.31 17.97
CA ALA A 9 -24.03 -74.51 19.15
C ALA A 9 -22.54 -74.20 19.17
N ASN A 10 -22.14 -73.15 19.88
CA ASN A 10 -20.74 -72.80 19.97
C ASN A 10 -20.44 -72.05 21.26
N ASN A 11 -19.27 -71.40 21.35
CA ASN A 11 -18.85 -70.75 22.58
C ASN A 11 -19.20 -69.27 22.63
N SER A 12 -20.03 -68.81 21.69
CA SER A 12 -20.42 -67.40 21.63
C SER A 12 -21.09 -66.95 22.91
N THR A 13 -20.75 -65.75 23.35
CA THR A 13 -21.42 -65.12 24.49
C THR A 13 -22.05 -63.80 24.03
N THR A 14 -22.00 -63.56 22.72
CA THR A 14 -22.56 -62.36 22.13
C THR A 14 -24.10 -62.43 22.10
N GLN A 15 -24.75 -61.35 22.50
CA GLN A 15 -26.20 -61.35 22.66
C GLN A 15 -26.91 -60.31 21.80
N VAL A 16 -28.20 -60.55 21.56
CA VAL A 16 -29.04 -59.59 20.85
C VAL A 16 -30.36 -59.44 21.61
N ASP A 17 -31.11 -58.40 21.29
CA ASP A 17 -32.44 -58.24 21.84
C ASP A 17 -33.47 -58.49 20.74
N THR A 18 -34.65 -58.96 21.12
CA THR A 18 -35.77 -59.11 20.20
C THR A 18 -36.95 -58.41 20.83
N LEU A 19 -38.05 -58.25 20.08
CA LEU A 19 -39.26 -57.68 20.63
C LEU A 19 -39.75 -58.49 21.84
N LEU A 20 -39.57 -59.81 21.78
CA LEU A 20 -40.05 -60.71 22.83
C LEU A 20 -39.06 -60.92 23.97
N GLU A 21 -37.77 -60.80 23.69
CA GLU A 21 -36.78 -61.21 24.68
C GLU A 21 -35.48 -60.43 24.59
N LYS A 22 -34.96 -60.02 25.74
CA LYS A 22 -33.70 -59.32 25.82
C LYS A 22 -32.56 -60.29 26.16
N ASN A 23 -31.34 -59.90 25.81
CA ASN A 23 -30.15 -60.62 26.22
C ASN A 23 -30.18 -62.07 25.70
N VAL A 24 -30.42 -62.25 24.41
CA VAL A 24 -30.42 -63.59 23.82
C VAL A 24 -29.06 -63.91 23.19
N THR A 25 -28.39 -64.94 23.70
CA THR A 25 -27.10 -65.36 23.15
C THR A 25 -27.29 -66.08 21.81
N VAL A 26 -26.57 -65.66 20.79
CA VAL A 26 -26.70 -66.24 19.46
C VAL A 26 -25.35 -66.69 18.92
N THR A 27 -25.38 -67.73 18.07
CA THR A 27 -24.17 -68.32 17.52
C THR A 27 -23.44 -67.37 16.58
N HIS A 28 -24.20 -66.53 15.87
CA HIS A 28 -23.62 -65.59 14.92
C HIS A 28 -24.44 -64.30 14.87
N SER A 29 -23.76 -63.17 14.72
CA SER A 29 -24.43 -61.88 14.65
C SER A 29 -23.54 -60.84 13.99
N VAL A 30 -24.12 -59.73 13.57
CA VAL A 30 -23.34 -58.68 12.94
C VAL A 30 -23.72 -57.35 13.57
N GLU A 31 -22.70 -56.58 13.95
CA GLU A 31 -22.92 -55.24 14.51
C GLU A 31 -22.99 -54.23 13.38
N LEU A 32 -24.09 -53.49 13.30
CA LEU A 32 -24.26 -52.56 12.18
C LEU A 32 -23.77 -51.15 12.51
N LEU A 33 -23.53 -50.86 13.78
CA LEU A 33 -23.22 -49.49 14.21
C LEU A 33 -21.75 -49.30 14.57
N GLU A 34 -21.19 -48.18 14.10
CA GLU A 34 -19.82 -47.80 14.41
C GLU A 34 -19.75 -46.75 15.52
N ASN A 35 -19.07 -47.05 16.62
CA ASN A 35 -18.89 -46.04 17.67
C ASN A 35 -17.45 -45.56 17.87
N GLN A 36 -16.53 -45.98 16.99
CA GLN A 36 -15.13 -45.58 17.10
C GLN A 36 -14.74 -44.50 16.09
N LYS A 37 -13.84 -43.61 16.50
CA LYS A 37 -13.37 -42.50 15.68
C LYS A 37 -11.88 -42.28 15.89
N GLU A 38 -11.21 -41.73 14.89
CA GLU A 38 -9.85 -41.22 15.07
C GLU A 38 -9.97 -39.72 15.36
N LYS A 39 -9.50 -39.29 16.52
CA LYS A 39 -9.74 -37.90 16.93
C LYS A 39 -8.74 -36.95 16.27
N ARG A 40 -9.02 -36.63 15.01
CA ARG A 40 -8.12 -35.83 14.19
C ARG A 40 -8.79 -35.51 12.85
N PHE A 41 -8.21 -34.56 12.12
CA PHE A 41 -8.70 -34.23 10.79
C PHE A 41 -7.72 -34.76 9.74
N CYS A 42 -8.25 -35.36 8.68
CA CYS A 42 -7.42 -35.91 7.62
C CYS A 42 -7.80 -35.26 6.30
N LYS A 43 -7.11 -35.66 5.24
CA LYS A 43 -7.44 -35.20 3.91
C LYS A 43 -8.70 -35.93 3.40
N ILE A 44 -9.49 -35.24 2.60
CA ILE A 44 -10.67 -35.83 1.99
C ILE A 44 -10.50 -35.81 0.48
N MET A 45 -10.49 -36.99 -0.12
CA MET A 45 -10.24 -37.15 -1.55
C MET A 45 -8.89 -36.55 -1.93
N ASN A 46 -7.89 -36.88 -1.10
CA ASN A 46 -6.51 -36.43 -1.32
C ASN A 46 -6.37 -34.91 -1.30
N LYS A 47 -7.37 -34.21 -0.77
CA LYS A 47 -7.30 -32.75 -0.68
C LYS A 47 -7.33 -32.32 0.78
N ALA A 48 -6.35 -31.51 1.18
CA ALA A 48 -6.17 -31.12 2.57
C ALA A 48 -7.17 -30.04 2.97
N PRO A 49 -7.54 -30.02 4.26
CA PRO A 49 -8.39 -28.94 4.77
C PRO A 49 -7.62 -27.66 4.99
N LEU A 50 -8.33 -26.55 5.16
CA LEU A 50 -7.71 -25.26 5.45
C LEU A 50 -7.81 -24.95 6.95
N ASP A 51 -6.66 -24.90 7.62
CA ASP A 51 -6.61 -24.53 9.03
C ASP A 51 -6.51 -23.01 9.17
N LEU A 52 -7.52 -22.39 9.78
CA LEU A 52 -7.55 -20.95 9.94
C LEU A 52 -6.72 -20.50 11.16
N LYS A 53 -6.33 -21.48 11.97
CA LYS A 53 -5.48 -21.26 13.15
C LYS A 53 -5.98 -20.14 14.08
N ASP A 54 -5.24 -19.05 14.16
CA ASP A 54 -5.58 -17.99 15.12
C ASP A 54 -6.47 -16.94 14.49
N CYS A 55 -6.92 -17.19 13.26
CA CYS A 55 -7.82 -16.27 12.58
C CYS A 55 -9.23 -16.84 12.45
N THR A 56 -10.23 -15.98 12.56
CA THR A 56 -11.61 -16.37 12.31
C THR A 56 -11.86 -16.20 10.81
N ILE A 57 -13.02 -16.65 10.35
CA ILE A 57 -13.40 -16.50 8.96
C ILE A 57 -13.33 -15.03 8.53
N GLU A 58 -13.84 -14.13 9.36
CA GLU A 58 -13.83 -12.70 9.03
C GLU A 58 -12.40 -12.18 8.88
N GLY A 59 -11.55 -12.50 9.85
CA GLY A 59 -10.15 -12.08 9.80
C GLY A 59 -9.45 -12.55 8.55
N TRP A 60 -9.78 -13.75 8.10
CA TRP A 60 -9.18 -14.34 6.90
C TRP A 60 -9.59 -13.61 5.62
N ILE A 61 -10.88 -13.54 5.29
CA ILE A 61 -11.26 -12.99 3.98
C ILE A 61 -11.29 -11.46 3.99
N LEU A 62 -11.30 -10.84 5.16
CA LEU A 62 -11.16 -9.38 5.21
C LEU A 62 -9.69 -9.00 5.07
N GLY A 63 -8.80 -9.89 5.45
CA GLY A 63 -7.37 -9.63 5.37
C GLY A 63 -6.79 -8.92 6.59
N ASN A 64 -7.28 -9.27 7.77
CA ASN A 64 -6.70 -8.83 9.03
C ASN A 64 -5.18 -9.04 8.96
N PRO A 65 -4.41 -7.97 9.25
CA PRO A 65 -2.95 -7.92 9.09
C PRO A 65 -2.21 -9.04 9.82
N LYS A 66 -2.84 -9.61 10.84
CA LYS A 66 -2.25 -10.72 11.59
C LYS A 66 -2.62 -12.07 10.99
N CYS A 67 -3.26 -12.06 9.82
CA CYS A 67 -3.64 -13.30 9.14
C CYS A 67 -2.90 -13.49 7.81
N ASP A 68 -1.75 -12.83 7.68
CA ASP A 68 -0.95 -12.89 6.46
C ASP A 68 -0.53 -14.31 6.08
N LEU A 69 -0.44 -15.19 7.07
CA LEU A 69 -0.13 -16.60 6.81
C LEU A 69 -1.16 -17.21 5.86
N LEU A 70 -2.41 -16.79 5.99
CA LEU A 70 -3.50 -17.30 5.16
C LEU A 70 -3.63 -16.54 3.83
N LEU A 71 -3.02 -15.36 3.77
CA LEU A 71 -3.27 -14.41 2.68
C LEU A 71 -2.98 -14.96 1.29
N GLY A 72 -3.91 -14.71 0.35
CA GLY A 72 -3.76 -15.17 -1.02
C GLY A 72 -4.66 -16.33 -1.42
N ASP A 73 -4.14 -17.17 -2.32
CA ASP A 73 -4.87 -18.32 -2.84
C ASP A 73 -5.01 -19.44 -1.82
N GLN A 74 -6.18 -20.07 -1.77
CA GLN A 74 -6.39 -21.24 -0.93
C GLN A 74 -7.26 -22.28 -1.64
N SER A 75 -6.91 -23.56 -1.45
CA SER A 75 -7.76 -24.67 -1.86
C SER A 75 -8.06 -25.53 -0.64
N TRP A 76 -9.29 -26.02 -0.53
CA TRP A 76 -9.65 -26.83 0.64
C TRP A 76 -10.75 -27.84 0.36
N SER A 77 -10.69 -28.96 1.06
CA SER A 77 -11.75 -29.96 1.08
C SER A 77 -12.80 -29.60 2.13
N TYR A 78 -12.33 -28.94 3.20
CA TYR A 78 -13.19 -28.34 4.20
C TYR A 78 -12.40 -27.35 5.03
N ILE A 79 -13.08 -26.62 5.90
CA ILE A 79 -12.46 -25.56 6.69
C ILE A 79 -12.47 -25.91 8.19
N VAL A 80 -11.34 -25.73 8.84
CA VAL A 80 -11.26 -25.87 10.29
C VAL A 80 -11.07 -24.50 10.93
N GLU A 81 -12.02 -24.10 11.76
CA GLU A 81 -11.92 -22.85 12.48
C GLU A 81 -11.71 -23.15 13.96
N ARG A 82 -10.71 -22.52 14.56
CA ARG A 82 -10.39 -22.79 15.94
C ARG A 82 -11.24 -21.93 16.87
N PRO A 83 -11.72 -22.53 17.97
CA PRO A 83 -12.67 -21.92 18.91
C PRO A 83 -12.20 -20.62 19.56
N ASN A 84 -10.91 -20.53 19.89
CA ASN A 84 -10.39 -19.36 20.58
C ASN A 84 -9.60 -18.43 19.68
N ALA A 85 -9.77 -18.58 18.37
CA ALA A 85 -9.10 -17.73 17.39
C ALA A 85 -9.34 -16.25 17.70
N GLN A 86 -8.26 -15.46 17.72
CA GLN A 86 -8.33 -14.09 18.21
C GLN A 86 -8.40 -13.02 17.12
N ASN A 87 -8.01 -13.38 15.90
CA ASN A 87 -7.88 -12.39 14.85
C ASN A 87 -9.08 -12.33 13.91
N GLY A 88 -10.02 -11.45 14.22
CA GLY A 88 -11.21 -11.29 13.42
C GLY A 88 -11.36 -9.88 12.85
N ILE A 89 -12.47 -9.25 13.17
CA ILE A 89 -12.69 -7.85 12.83
C ILE A 89 -11.97 -6.97 13.85
N CYS A 90 -10.84 -6.38 13.45
CA CYS A 90 -10.00 -5.68 14.41
C CYS A 90 -10.54 -4.28 14.68
N TYR A 91 -10.87 -3.54 13.62
CA TYR A 91 -11.52 -2.26 13.79
C TYR A 91 -13.02 -2.49 13.93
N PRO A 92 -13.58 -2.12 15.10
CA PRO A 92 -14.93 -2.50 15.51
C PRO A 92 -16.01 -2.15 14.49
N GLY A 93 -17.00 -3.04 14.37
CA GLY A 93 -18.09 -2.86 13.46
C GLY A 93 -18.74 -4.18 13.07
N VAL A 94 -19.85 -4.09 12.36
CA VAL A 94 -20.62 -5.26 11.98
C VAL A 94 -20.33 -5.65 10.54
N LEU A 95 -20.12 -6.94 10.30
CA LEU A 95 -20.03 -7.46 8.94
C LEU A 95 -21.42 -7.97 8.56
N ASN A 96 -22.07 -7.27 7.64
CA ASN A 96 -23.48 -7.50 7.37
C ASN A 96 -23.73 -8.77 6.57
N GLU A 97 -24.82 -9.45 6.91
CA GLU A 97 -25.15 -10.74 6.35
C GLU A 97 -23.99 -11.70 6.59
N LEU A 98 -23.48 -11.72 7.82
CA LEU A 98 -22.34 -12.57 8.18
C LEU A 98 -22.65 -14.06 8.04
N GLU A 99 -23.83 -14.49 8.47
CA GLU A 99 -24.17 -15.91 8.47
C GLU A 99 -24.28 -16.41 7.03
N GLU A 100 -24.88 -15.60 6.17
CA GLU A 100 -24.96 -15.93 4.75
C GLU A 100 -23.58 -15.94 4.09
N LEU A 101 -22.68 -15.06 4.53
CA LEU A 101 -21.31 -15.06 4.02
C LEU A 101 -20.59 -16.36 4.38
N LYS A 102 -20.76 -16.82 5.61
CA LYS A 102 -20.16 -18.07 6.05
C LYS A 102 -20.72 -19.26 5.26
N ALA A 103 -22.02 -19.23 4.97
CA ALA A 103 -22.66 -20.30 4.22
C ALA A 103 -22.13 -20.31 2.79
N PHE A 104 -21.91 -19.12 2.23
CA PHE A 104 -21.37 -19.01 0.88
C PHE A 104 -19.94 -19.53 0.79
N ILE A 105 -19.09 -19.07 1.70
CA ILE A 105 -17.69 -19.46 1.70
C ILE A 105 -17.59 -20.97 1.88
N GLY A 106 -18.44 -21.50 2.75
CA GLY A 106 -18.49 -22.92 2.98
C GLY A 106 -18.86 -23.74 1.76
N SER A 107 -19.57 -23.13 0.81
CA SER A 107 -19.98 -23.85 -0.40
C SER A 107 -18.87 -23.85 -1.46
N GLY A 108 -17.72 -23.30 -1.13
CA GLY A 108 -16.62 -23.21 -2.08
C GLY A 108 -15.51 -24.20 -1.83
N GLU A 109 -14.58 -24.31 -2.78
CA GLU A 109 -13.42 -25.18 -2.62
C GLU A 109 -12.11 -24.44 -2.88
N ARG A 110 -12.19 -23.24 -3.44
CA ARG A 110 -11.00 -22.47 -3.75
C ARG A 110 -11.28 -20.98 -3.95
N VAL A 111 -10.36 -20.14 -3.47
CA VAL A 111 -10.39 -18.71 -3.78
C VAL A 111 -9.05 -18.30 -4.38
N GLU A 112 -9.11 -17.45 -5.39
CA GLU A 112 -7.91 -16.86 -5.96
C GLU A 112 -7.92 -15.35 -5.74
N ARG A 113 -6.97 -14.87 -4.97
CA ARG A 113 -6.89 -13.45 -4.64
C ARG A 113 -6.23 -12.67 -5.78
N PHE A 114 -6.78 -11.51 -6.08
CA PHE A 114 -6.26 -10.62 -7.12
C PHE A 114 -6.59 -9.18 -6.76
N GLU A 115 -5.91 -8.24 -7.40
CA GLU A 115 -6.15 -6.82 -7.13
C GLU A 115 -7.31 -6.35 -8.00
N MET A 116 -8.41 -6.00 -7.36
CA MET A 116 -9.64 -5.63 -8.05
C MET A 116 -9.67 -4.14 -8.36
N PHE A 117 -9.23 -3.33 -7.40
CA PHE A 117 -9.12 -1.88 -7.56
C PHE A 117 -7.77 -1.40 -7.04
N PRO A 118 -6.82 -1.14 -7.95
CA PRO A 118 -5.54 -0.56 -7.53
C PRO A 118 -5.75 0.82 -6.93
N LYS A 119 -4.90 1.24 -5.99
CA LYS A 119 -5.08 2.51 -5.29
C LYS A 119 -5.16 3.70 -6.25
N SER A 120 -4.52 3.57 -7.41
CA SER A 120 -4.59 4.57 -8.48
C SER A 120 -6.03 4.88 -8.92
N THR A 121 -6.95 3.98 -8.61
CA THR A 121 -8.35 4.11 -9.01
C THR A 121 -8.98 5.41 -8.50
N TRP A 122 -8.58 5.82 -7.30
CA TRP A 122 -9.24 6.91 -6.61
C TRP A 122 -8.42 8.21 -6.72
N ALA A 123 -8.88 9.11 -7.58
CA ALA A 123 -8.06 10.21 -8.09
C ALA A 123 -7.64 11.25 -7.04
N GLY A 124 -8.61 11.95 -6.46
CA GLY A 124 -8.30 13.14 -5.70
C GLY A 124 -8.13 12.98 -4.21
N VAL A 125 -7.73 11.79 -3.78
CA VAL A 125 -7.74 11.44 -2.36
C VAL A 125 -6.44 10.76 -1.91
N ASP A 126 -6.32 10.53 -0.61
CA ASP A 126 -5.12 9.90 -0.05
C ASP A 126 -5.34 8.44 0.33
N THR A 127 -4.57 7.57 -0.30
CA THR A 127 -4.67 6.13 -0.07
C THR A 127 -3.51 5.56 0.76
N SER A 128 -2.67 6.43 1.31
CA SER A 128 -1.48 6.00 2.02
C SER A 128 -1.59 6.07 3.55
N ARG A 129 -2.61 6.75 4.07
CA ARG A 129 -2.66 7.02 5.51
C ARG A 129 -3.76 6.26 6.26
N GLY A 130 -4.42 5.33 5.56
CA GLY A 130 -5.50 4.58 6.17
C GLY A 130 -5.04 3.44 7.07
N VAL A 131 -4.50 3.79 8.23
CA VAL A 131 -4.09 2.78 9.22
C VAL A 131 -4.65 3.14 10.59
N THR A 132 -4.67 2.16 11.48
CA THR A 132 -5.24 2.35 12.81
C THR A 132 -4.59 1.43 13.81
N ASN A 133 -4.49 1.91 15.05
CA ASN A 133 -3.89 1.15 16.13
C ASN A 133 -4.82 0.02 16.58
N ALA A 134 -6.06 0.04 16.08
CA ALA A 134 -7.00 -1.04 16.34
C ALA A 134 -6.62 -2.30 15.55
N CYS A 135 -5.92 -2.11 14.43
CA CYS A 135 -5.56 -3.21 13.56
C CYS A 135 -4.04 -3.35 13.40
N PRO A 136 -3.34 -3.79 14.45
CA PRO A 136 -1.89 -3.93 14.33
C PRO A 136 -1.48 -5.13 13.48
N SER A 137 -0.35 -5.00 12.79
CA SER A 137 0.31 -6.13 12.15
C SER A 137 1.10 -6.88 13.22
N TYR A 138 1.92 -7.83 12.79
CA TYR A 138 2.83 -8.49 13.74
C TYR A 138 4.09 -7.65 13.95
N THR A 139 4.39 -6.77 12.98
CA THR A 139 5.60 -5.97 13.06
C THR A 139 5.35 -4.47 13.34
N ILE A 140 4.17 -3.97 12.98
CA ILE A 140 3.88 -2.55 13.18
C ILE A 140 2.58 -2.35 13.97
N ASP A 141 2.53 -1.26 14.74
CA ASP A 141 1.42 -0.99 15.67
C ASP A 141 0.14 -0.55 14.98
N SER A 142 0.25 0.08 13.82
CA SER A 142 -0.93 0.56 13.12
C SER A 142 -0.93 0.11 11.66
N SER A 143 -1.93 -0.69 11.31
CA SER A 143 -2.04 -1.23 9.96
C SER A 143 -3.51 -1.26 9.55
N PHE A 144 -3.85 -2.08 8.57
CA PHE A 144 -5.22 -2.22 8.13
C PHE A 144 -5.42 -3.50 7.33
N TYR A 145 -6.67 -3.80 7.00
CA TYR A 145 -7.02 -4.97 6.22
C TYR A 145 -6.32 -4.95 4.87
N ARG A 146 -5.79 -6.11 4.47
CA ARG A 146 -5.04 -6.23 3.23
C ARG A 146 -5.94 -6.11 2.00
N ASN A 147 -7.23 -6.33 2.19
CA ASN A 147 -8.18 -6.32 1.07
C ASN A 147 -8.97 -5.02 0.97
N LEU A 148 -8.77 -4.13 1.93
CA LEU A 148 -9.48 -2.85 1.95
C LEU A 148 -8.51 -1.67 1.99
N VAL A 149 -8.97 -0.52 1.50
CA VAL A 149 -8.22 0.73 1.59
C VAL A 149 -9.04 1.78 2.33
N TRP A 150 -8.54 2.25 3.46
CA TRP A 150 -9.19 3.33 4.18
C TRP A 150 -8.76 4.66 3.56
N ILE A 151 -9.68 5.27 2.82
CA ILE A 151 -9.38 6.49 2.07
C ILE A 151 -9.69 7.73 2.90
N VAL A 152 -8.74 8.66 2.97
CA VAL A 152 -8.96 9.95 3.63
C VAL A 152 -8.61 11.09 2.66
N LYS A 153 -9.03 12.30 3.02
CA LYS A 153 -8.74 13.47 2.20
C LYS A 153 -7.25 13.83 2.23
N THR A 154 -6.77 14.40 1.12
CA THR A 154 -5.42 14.95 1.08
C THR A 154 -5.38 16.21 1.95
N ASP A 155 -4.17 16.68 2.28
CA ASP A 155 -4.00 17.80 3.18
C ASP A 155 -4.82 19.04 2.80
N SER A 156 -5.68 19.46 3.72
CA SER A 156 -6.48 20.69 3.61
C SER A 156 -7.49 20.70 2.46
N ALA A 157 -7.23 19.95 1.39
CA ALA A 157 -8.11 19.95 0.23
C ALA A 157 -9.47 19.36 0.58
N THR A 158 -10.46 19.60 -0.29
CA THR A 158 -11.78 19.00 -0.14
C THR A 158 -11.75 17.52 -0.54
N TYR A 159 -12.79 16.76 -0.17
CA TYR A 159 -12.88 15.36 -0.58
C TYR A 159 -13.84 15.31 -1.75
N PRO A 160 -13.31 14.99 -2.94
CA PRO A 160 -14.11 15.04 -4.17
C PRO A 160 -14.90 13.76 -4.42
N VAL A 161 -15.70 13.76 -5.48
CA VAL A 161 -16.36 12.55 -5.93
C VAL A 161 -15.32 11.63 -6.54
N ILE A 162 -15.20 10.42 -6.00
CA ILE A 162 -14.28 9.44 -6.56
C ILE A 162 -15.09 8.34 -7.23
N LYS A 163 -14.52 7.73 -8.26
CA LYS A 163 -15.23 6.71 -9.01
C LYS A 163 -14.32 5.55 -9.36
N GLY A 164 -14.93 4.37 -9.48
CA GLY A 164 -14.20 3.16 -9.84
C GLY A 164 -15.12 2.19 -10.53
N THR A 165 -14.56 1.38 -11.41
CA THR A 165 -15.37 0.40 -12.13
C THR A 165 -14.57 -0.88 -12.38
N TYR A 166 -15.25 -2.02 -12.30
CA TYR A 166 -14.61 -3.29 -12.59
C TYR A 166 -15.58 -4.18 -13.34
N ASN A 167 -15.15 -4.63 -14.50
CA ASN A 167 -15.92 -5.50 -15.37
C ASN A 167 -15.38 -6.92 -15.24
N ASN A 168 -16.21 -7.83 -14.72
CA ASN A 168 -15.80 -9.22 -14.55
C ASN A 168 -15.93 -9.93 -15.89
N THR A 169 -14.81 -10.06 -16.59
CA THR A 169 -14.79 -10.63 -17.92
C THR A 169 -14.42 -12.11 -17.88
N GLY A 170 -14.12 -12.59 -16.67
CA GLY A 170 -13.76 -13.98 -16.47
C GLY A 170 -14.96 -14.89 -16.33
N THR A 171 -14.69 -16.16 -16.03
CA THR A 171 -15.75 -17.18 -15.95
C THR A 171 -16.18 -17.47 -14.52
N GLN A 172 -15.50 -16.87 -13.55
CA GLN A 172 -15.78 -17.17 -12.16
C GLN A 172 -16.36 -15.97 -11.42
N PRO A 173 -17.30 -16.23 -10.49
CA PRO A 173 -17.84 -15.17 -9.65
C PRO A 173 -16.76 -14.56 -8.75
N ILE A 174 -16.95 -13.32 -8.33
CA ILE A 174 -15.95 -12.64 -7.52
C ILE A 174 -16.53 -12.23 -6.17
N LEU A 175 -15.90 -12.70 -5.09
CA LEU A 175 -16.26 -12.31 -3.74
C LEU A 175 -15.45 -11.08 -3.32
N TYR A 176 -16.14 -9.97 -3.03
CA TYR A 176 -15.42 -8.75 -2.66
C TYR A 176 -16.07 -8.05 -1.46
N PHE A 177 -15.32 -7.12 -0.86
CA PHE A 177 -15.74 -6.46 0.38
C PHE A 177 -15.57 -4.95 0.32
N TRP A 178 -16.35 -4.25 1.14
CA TRP A 178 -16.21 -2.80 1.25
C TRP A 178 -16.81 -2.31 2.56
N GLY A 179 -16.67 -1.02 2.83
CA GLY A 179 -17.14 -0.48 4.09
C GLY A 179 -17.59 0.96 4.07
N VAL A 180 -18.27 1.34 5.14
CA VAL A 180 -18.66 2.73 5.36
C VAL A 180 -18.20 3.11 6.76
N HIS A 181 -17.40 4.16 6.86
CA HIS A 181 -16.89 4.60 8.15
C HIS A 181 -17.88 5.51 8.86
N HIS A 182 -18.13 5.25 10.14
CA HIS A 182 -18.97 6.10 10.97
C HIS A 182 -18.14 6.68 12.12
N PRO A 183 -17.67 7.92 11.98
CA PRO A 183 -16.86 8.55 13.03
C PRO A 183 -17.67 8.83 14.30
N LEU A 184 -16.99 8.88 15.44
CA LEU A 184 -17.63 9.15 16.73
C LEU A 184 -18.15 10.59 16.86
N ASP A 185 -17.55 11.54 16.13
CA ASP A 185 -18.02 12.93 16.16
C ASP A 185 -17.77 13.67 14.85
N THR A 186 -18.38 14.85 14.73
CA THR A 186 -18.26 15.67 13.52
C THR A 186 -16.83 16.19 13.34
N THR A 187 -16.07 16.25 14.42
CA THR A 187 -14.69 16.71 14.35
C THR A 187 -13.85 15.73 13.53
N VAL A 188 -13.94 14.44 13.87
CA VAL A 188 -13.24 13.42 13.12
C VAL A 188 -13.76 13.38 11.69
N GLN A 189 -15.06 13.55 11.54
CA GLN A 189 -15.69 13.55 10.21
C GLN A 189 -15.07 14.61 9.31
N ASP A 190 -14.92 15.81 9.85
CA ASP A 190 -14.36 16.92 9.08
C ASP A 190 -12.86 16.76 8.86
N ASN A 191 -12.18 16.25 9.87
CA ASN A 191 -10.74 16.01 9.79
C ASN A 191 -10.37 15.03 8.67
N LEU A 192 -11.18 13.98 8.50
CA LEU A 192 -10.87 12.93 7.53
C LEU A 192 -11.49 13.14 6.15
N TYR A 193 -12.72 13.63 6.11
CA TYR A 193 -13.47 13.67 4.87
C TYR A 193 -13.93 15.08 4.48
N GLY A 194 -13.65 16.05 5.35
CA GLY A 194 -14.11 17.40 5.12
C GLY A 194 -15.56 17.58 5.52
N SER A 195 -16.22 18.57 4.90
CA SER A 195 -17.59 18.90 5.28
C SER A 195 -18.57 18.61 4.15
N GLY A 196 -19.86 18.59 4.48
CA GLY A 196 -20.89 18.28 3.51
C GLY A 196 -21.47 16.89 3.65
N ASP A 197 -22.67 16.70 3.10
CA ASP A 197 -23.34 15.40 3.16
C ASP A 197 -22.58 14.35 2.36
N LYS A 198 -22.21 13.26 3.04
CA LYS A 198 -21.40 12.22 2.41
C LYS A 198 -22.22 10.99 2.07
N TYR A 199 -21.79 10.28 1.03
CA TYR A 199 -22.50 9.08 0.60
C TYR A 199 -21.52 8.03 0.07
N VAL A 200 -21.95 6.77 0.12
CA VAL A 200 -21.26 5.69 -0.56
C VAL A 200 -22.29 4.95 -1.39
N ARG A 201 -22.12 4.95 -2.70
CA ARG A 201 -23.08 4.31 -3.59
C ARG A 201 -22.39 3.34 -4.54
N MET A 202 -22.94 2.14 -4.63
CA MET A 202 -22.38 1.10 -5.48
C MET A 202 -23.49 0.34 -6.21
N GLY A 203 -23.14 -0.23 -7.36
CA GLY A 203 -24.14 -0.90 -8.16
C GLY A 203 -23.60 -1.80 -9.24
N THR A 204 -24.39 -2.81 -9.58
CA THR A 204 -24.08 -3.71 -10.69
C THR A 204 -25.36 -3.84 -11.49
N GLU A 205 -25.37 -4.77 -12.43
CA GLU A 205 -26.57 -5.09 -13.18
C GLU A 205 -27.69 -5.61 -12.27
N SER A 206 -27.32 -6.24 -11.16
CA SER A 206 -28.32 -6.84 -10.27
C SER A 206 -28.33 -6.30 -8.84
N MET A 207 -27.43 -5.37 -8.50
CA MET A 207 -27.38 -4.86 -7.12
C MET A 207 -27.30 -3.34 -7.06
N ASN A 208 -28.02 -2.74 -6.11
CA ASN A 208 -27.86 -1.33 -5.74
C ASN A 208 -27.46 -1.23 -4.28
N PHE A 209 -26.52 -0.34 -3.97
CA PHE A 209 -26.13 -0.08 -2.59
C PHE A 209 -25.99 1.41 -2.36
N ALA A 210 -26.52 1.89 -1.24
CA ALA A 210 -26.38 3.28 -0.85
C ALA A 210 -26.36 3.43 0.66
N LYS A 211 -25.35 4.12 1.18
CA LYS A 211 -25.23 4.33 2.61
C LYS A 211 -24.53 5.66 2.89
N SER A 212 -24.99 6.34 3.93
CA SER A 212 -24.34 7.57 4.38
C SER A 212 -23.85 7.39 5.81
N PRO A 213 -22.83 8.15 6.21
CA PRO A 213 -22.29 7.98 7.57
C PRO A 213 -23.27 8.39 8.66
N GLU A 214 -23.23 7.67 9.78
CA GLU A 214 -24.09 7.96 10.92
C GLU A 214 -23.22 8.25 12.15
N ILE A 215 -23.00 9.54 12.40
CA ILE A 215 -22.05 10.00 13.41
C ILE A 215 -22.64 9.90 14.83
N ALA A 216 -21.92 9.17 15.68
CA ALA A 216 -22.31 8.98 17.08
C ALA A 216 -21.20 8.22 17.81
N ALA A 217 -21.18 8.29 19.13
CA ALA A 217 -20.17 7.60 19.91
C ALA A 217 -20.68 6.30 20.51
N ARG A 218 -20.00 5.21 20.21
CA ARG A 218 -20.36 3.90 20.77
C ARG A 218 -19.31 3.52 21.79
N PRO A 219 -19.63 2.57 22.69
CA PRO A 219 -18.63 2.13 23.66
C PRO A 219 -17.33 1.70 22.98
N ALA A 220 -16.20 2.04 23.58
CA ALA A 220 -14.91 1.77 22.95
C ALA A 220 -14.64 0.28 22.80
N VAL A 221 -14.19 -0.12 21.62
CA VAL A 221 -13.80 -1.49 21.34
C VAL A 221 -12.48 -1.46 20.58
N ASN A 222 -11.49 -2.16 21.11
CA ASN A 222 -10.11 -2.10 20.62
C ASN A 222 -9.67 -0.64 20.49
N GLY A 223 -10.06 0.18 21.47
CA GLY A 223 -9.70 1.58 21.51
C GLY A 223 -10.51 2.52 20.64
N GLN A 224 -11.59 2.03 20.06
CA GLN A 224 -12.34 2.86 19.10
C GLN A 224 -13.81 3.04 19.49
N ARG A 225 -14.26 4.29 19.47
CA ARG A 225 -15.65 4.61 19.72
C ARG A 225 -16.35 4.87 18.39
N SER A 226 -15.57 4.87 17.32
CA SER A 226 -16.10 4.92 15.97
C SER A 226 -16.42 3.50 15.48
N ARG A 227 -17.07 3.40 14.33
CA ARG A 227 -17.42 2.09 13.76
C ARG A 227 -17.23 2.05 12.26
N ILE A 228 -17.09 0.84 11.73
CA ILE A 228 -17.17 0.62 10.29
C ILE A 228 -18.29 -0.39 10.01
N ASP A 229 -19.12 -0.08 9.03
CA ASP A 229 -20.07 -1.05 8.52
C ASP A 229 -19.44 -1.78 7.35
N TYR A 230 -19.12 -3.05 7.56
CA TYR A 230 -18.53 -3.86 6.50
C TYR A 230 -19.60 -4.54 5.67
N TYR A 231 -19.33 -4.71 4.38
CA TYR A 231 -20.27 -5.35 3.48
C TYR A 231 -19.56 -6.31 2.54
N TRP A 232 -20.32 -7.26 2.00
CA TRP A 232 -19.79 -8.17 1.01
C TRP A 232 -20.81 -8.37 -0.08
N SER A 233 -20.33 -8.81 -1.23
CA SER A 233 -21.21 -9.16 -2.33
C SER A 233 -20.47 -10.08 -3.30
N VAL A 234 -21.18 -10.56 -4.31
CA VAL A 234 -20.60 -11.45 -5.30
C VAL A 234 -20.87 -10.91 -6.69
N LEU A 235 -19.79 -10.57 -7.41
CA LEU A 235 -19.93 -10.03 -8.75
C LEU A 235 -19.93 -11.20 -9.73
N ARG A 236 -21.08 -11.43 -10.36
CA ARG A 236 -21.26 -12.57 -11.23
C ARG A 236 -20.43 -12.41 -12.50
N PRO A 237 -20.11 -13.53 -13.17
CA PRO A 237 -19.42 -13.43 -14.46
C PRO A 237 -20.19 -12.59 -15.48
N GLY A 238 -19.53 -11.60 -16.07
CA GLY A 238 -20.17 -10.74 -17.04
C GLY A 238 -20.77 -9.47 -16.45
N GLU A 239 -20.82 -9.41 -15.12
CA GLU A 239 -21.36 -8.23 -14.45
C GLU A 239 -20.25 -7.21 -14.21
N THR A 240 -20.65 -5.94 -14.10
CA THR A 240 -19.72 -4.85 -13.83
C THR A 240 -20.12 -4.14 -12.54
N LEU A 241 -19.12 -3.78 -11.74
CA LEU A 241 -19.35 -3.01 -10.52
C LEU A 241 -18.97 -1.54 -10.73
N ASN A 242 -19.84 -0.62 -10.31
CA ASN A 242 -19.52 0.80 -10.29
C ASN A 242 -19.47 1.30 -8.85
N VAL A 243 -18.38 1.95 -8.48
CA VAL A 243 -18.24 2.54 -7.14
C VAL A 243 -18.23 4.07 -7.25
N GLU A 244 -19.00 4.73 -6.39
CA GLU A 244 -19.04 6.18 -6.36
C GLU A 244 -19.20 6.70 -4.94
N SER A 245 -18.29 7.56 -4.50
CA SER A 245 -18.34 8.12 -3.15
C SER A 245 -17.70 9.49 -3.05
N ASN A 246 -18.24 10.32 -2.16
CA ASN A 246 -17.63 11.61 -1.84
C ASN A 246 -17.09 11.61 -0.41
N GLY A 247 -16.97 10.43 0.18
CA GLY A 247 -16.38 10.31 1.51
C GLY A 247 -16.83 9.11 2.32
N ASN A 248 -16.12 8.84 3.41
CA ASN A 248 -16.43 7.75 4.34
C ASN A 248 -16.38 6.35 3.71
N LEU A 249 -15.67 6.21 2.60
CA LEU A 249 -15.59 4.94 1.92
C LEU A 249 -14.38 4.11 2.35
N ILE A 250 -14.65 2.89 2.81
CA ILE A 250 -13.60 1.89 2.96
C ILE A 250 -13.65 1.08 1.67
N ALA A 251 -12.69 1.32 0.80
CA ALA A 251 -12.81 0.86 -0.59
C ALA A 251 -12.36 -0.58 -0.77
N PRO A 252 -12.97 -1.27 -1.75
CA PRO A 252 -12.46 -2.59 -2.12
C PRO A 252 -11.11 -2.48 -2.79
N TRP A 253 -10.16 -3.32 -2.40
CA TRP A 253 -8.82 -3.27 -2.94
C TRP A 253 -8.49 -4.61 -3.61
N TYR A 254 -8.38 -5.65 -2.81
CA TYR A 254 -8.25 -7.02 -3.31
C TYR A 254 -9.55 -7.82 -3.14
N ALA A 255 -9.81 -8.72 -4.08
CA ALA A 255 -10.99 -9.58 -4.03
C ALA A 255 -10.61 -11.02 -4.39
N TYR A 256 -11.59 -11.91 -4.42
CA TYR A 256 -11.33 -13.35 -4.67
C TYR A 256 -12.13 -13.93 -5.83
N LYS A 257 -11.43 -14.58 -6.76
CA LYS A 257 -12.12 -15.44 -7.72
C LYS A 257 -12.61 -16.64 -6.94
N PHE A 258 -13.91 -16.93 -7.03
CA PHE A 258 -14.51 -17.94 -6.17
C PHE A 258 -14.90 -19.21 -6.96
N VAL A 259 -14.41 -20.35 -6.51
CA VAL A 259 -14.72 -21.64 -7.14
C VAL A 259 -15.66 -22.46 -6.26
N SER A 260 -16.90 -22.62 -6.71
CA SER A 260 -17.91 -23.35 -5.93
C SER A 260 -17.82 -24.86 -6.11
N THR A 261 -17.89 -25.61 -5.01
CA THR A 261 -17.84 -27.08 -5.01
C THR A 261 -19.17 -27.72 -5.42
N ASN A 262 -19.06 -28.86 -6.11
CA ASN A 262 -20.23 -29.65 -6.45
C ASN A 262 -20.54 -30.64 -5.34
N LYS A 263 -19.59 -30.84 -4.42
CA LYS A 263 -19.80 -31.73 -3.29
C LYS A 263 -20.50 -30.98 -2.15
N LYS A 264 -20.54 -31.60 -0.98
CA LYS A 264 -21.03 -30.95 0.22
C LYS A 264 -19.94 -30.06 0.79
N GLY A 265 -20.31 -28.91 1.34
CA GLY A 265 -19.33 -28.05 1.97
C GLY A 265 -19.36 -28.22 3.47
N ALA A 266 -18.24 -27.95 4.13
CA ALA A 266 -18.21 -28.03 5.58
C ALA A 266 -17.28 -27.01 6.23
N VAL A 267 -17.73 -26.49 7.37
CA VAL A 267 -16.89 -25.66 8.23
C VAL A 267 -16.94 -26.27 9.62
N PHE A 268 -15.84 -26.87 10.05
CA PHE A 268 -15.77 -27.53 11.35
C PHE A 268 -15.11 -26.62 12.38
N LYS A 269 -15.81 -26.33 13.47
CA LYS A 269 -15.26 -25.51 14.53
C LYS A 269 -14.74 -26.45 15.61
N SER A 270 -13.43 -26.61 15.68
CA SER A 270 -12.83 -27.67 16.49
C SER A 270 -11.38 -27.39 16.89
N ASP A 271 -10.93 -28.04 17.95
CA ASP A 271 -9.55 -27.93 18.41
C ASP A 271 -8.71 -29.14 17.98
N LEU A 272 -9.34 -30.08 17.27
CA LEU A 272 -8.68 -31.32 16.86
C LEU A 272 -7.55 -31.06 15.88
N PRO A 273 -6.47 -31.86 15.99
CA PRO A 273 -5.29 -31.72 15.13
C PRO A 273 -5.51 -32.20 13.70
N ILE A 274 -4.98 -31.45 12.74
CA ILE A 274 -4.92 -31.90 11.35
C ILE A 274 -3.59 -32.62 11.13
N GLU A 275 -3.65 -33.89 10.76
CA GLU A 275 -2.44 -34.67 10.59
C GLU A 275 -2.27 -35.08 9.13
N ASN A 276 -1.17 -35.78 8.84
CA ASN A 276 -0.91 -36.22 7.49
C ASN A 276 -1.52 -37.60 7.30
N CYS A 277 -2.75 -37.62 6.79
CA CYS A 277 -3.54 -38.84 6.73
C CYS A 277 -4.68 -38.68 5.74
N ASP A 278 -5.22 -39.81 5.29
CA ASP A 278 -6.34 -39.81 4.37
C ASP A 278 -7.59 -40.38 5.01
N ALA A 279 -8.74 -39.96 4.52
CA ALA A 279 -10.02 -40.45 5.03
C ALA A 279 -11.06 -40.35 3.94
N THR A 280 -12.08 -41.19 4.02
CA THR A 280 -13.23 -41.09 3.12
C THR A 280 -14.40 -40.47 3.86
N CYS A 281 -14.38 -40.58 5.19
CA CYS A 281 -15.43 -40.00 6.02
C CYS A 281 -14.81 -39.20 7.17
N GLN A 282 -15.11 -37.91 7.21
CA GLN A 282 -14.59 -37.02 8.25
C GLN A 282 -15.72 -36.33 9.01
N THR A 283 -15.88 -36.64 10.28
CA THR A 283 -16.86 -35.94 11.10
C THR A 283 -16.17 -34.85 11.90
N ILE A 284 -16.96 -33.94 12.47
CA ILE A 284 -16.43 -32.82 13.23
C ILE A 284 -15.67 -33.29 14.46
N THR A 285 -15.97 -34.50 14.93
CA THR A 285 -15.28 -35.02 16.11
C THR A 285 -14.29 -36.12 15.77
N GLY A 286 -14.05 -36.36 14.48
CA GLY A 286 -13.06 -37.34 14.09
C GLY A 286 -13.35 -38.15 12.85
N VAL A 287 -12.34 -38.94 12.44
CA VAL A 287 -12.42 -39.76 11.24
C VAL A 287 -13.14 -41.08 11.54
N LEU A 288 -13.96 -41.53 10.59
CA LEU A 288 -14.55 -42.86 10.67
C LEU A 288 -13.93 -43.75 9.59
N ARG A 289 -13.28 -44.84 10.02
CA ARG A 289 -12.79 -45.85 9.11
C ARG A 289 -13.56 -47.14 9.33
N THR A 290 -14.62 -47.35 8.56
CA THR A 290 -15.55 -48.42 8.87
C THR A 290 -16.32 -48.89 7.65
N ASN A 291 -16.81 -50.12 7.71
CA ASN A 291 -17.68 -50.72 6.71
C ASN A 291 -19.12 -50.72 7.21
N LYS A 292 -19.33 -50.23 8.43
CA LYS A 292 -20.64 -50.28 9.08
C LYS A 292 -21.67 -49.29 8.54
N THR A 293 -22.94 -49.61 8.79
CA THR A 293 -24.08 -48.91 8.19
C THR A 293 -24.51 -47.68 8.98
N PHE A 294 -24.33 -47.74 10.29
CA PHE A 294 -24.73 -46.66 11.18
C PHE A 294 -23.53 -46.20 12.00
N GLN A 295 -23.65 -45.02 12.58
CA GLN A 295 -22.64 -44.48 13.49
C GLN A 295 -23.31 -43.58 14.50
N ASN A 296 -22.75 -43.53 15.71
CA ASN A 296 -23.28 -42.64 16.75
C ASN A 296 -22.24 -41.59 17.13
N VAL A 297 -21.31 -41.32 16.22
CA VAL A 297 -20.24 -40.35 16.50
C VAL A 297 -20.70 -38.91 16.32
N SER A 298 -21.23 -38.57 15.14
CA SER A 298 -21.67 -37.21 14.86
C SER A 298 -22.56 -37.08 13.62
N PRO A 299 -23.58 -36.21 13.69
CA PRO A 299 -24.43 -35.87 12.54
C PRO A 299 -23.73 -34.90 11.57
N LEU A 300 -22.60 -34.33 11.97
CA LEU A 300 -21.90 -33.37 11.14
C LEU A 300 -20.66 -33.99 10.52
N TRP A 301 -20.64 -34.05 9.20
CA TRP A 301 -19.52 -34.67 8.50
C TRP A 301 -19.44 -34.25 7.04
N ILE A 302 -18.31 -34.57 6.43
CA ILE A 302 -18.11 -34.41 5.00
C ILE A 302 -17.56 -35.75 4.50
N GLY A 303 -17.81 -36.08 3.23
CA GLY A 303 -17.38 -37.36 2.69
C GLY A 303 -18.50 -38.38 2.73
N GLU A 304 -18.15 -39.65 2.53
CA GLU A 304 -19.14 -40.74 2.55
C GLU A 304 -19.19 -41.42 3.93
N CYS A 305 -20.19 -41.06 4.73
CA CYS A 305 -20.26 -41.53 6.11
C CYS A 305 -21.48 -42.42 6.38
N PRO A 306 -21.39 -43.26 7.42
CA PRO A 306 -22.58 -44.03 7.83
C PRO A 306 -23.67 -43.11 8.39
N LYS A 307 -24.91 -43.58 8.38
CA LYS A 307 -26.02 -42.82 8.92
C LYS A 307 -25.88 -42.63 10.43
N TYR A 308 -26.12 -41.41 10.90
CA TYR A 308 -26.06 -41.11 12.31
C TYR A 308 -27.35 -41.48 13.05
N VAL A 309 -27.20 -42.16 14.18
CA VAL A 309 -28.32 -42.45 15.07
C VAL A 309 -27.85 -42.29 16.51
N LYS A 310 -28.80 -42.22 17.45
CA LYS A 310 -28.46 -42.10 18.87
C LYS A 310 -28.12 -43.44 19.51
N SER A 311 -28.35 -44.53 18.79
CA SER A 311 -28.21 -45.88 19.38
C SER A 311 -26.79 -46.20 19.85
N GLU A 312 -26.68 -47.00 20.90
CA GLU A 312 -25.40 -47.51 21.38
C GLU A 312 -24.94 -48.71 20.56
N SER A 313 -25.89 -49.49 20.07
CA SER A 313 -25.60 -50.73 19.36
C SER A 313 -26.79 -51.14 18.50
N LEU A 314 -26.51 -51.66 17.30
CA LEU A 314 -27.54 -52.21 16.43
C LEU A 314 -27.09 -53.57 15.90
N ARG A 315 -27.17 -54.58 16.76
CA ARG A 315 -26.69 -55.90 16.39
C ARG A 315 -27.81 -56.80 15.87
N LEU A 316 -27.66 -57.24 14.62
CA LEU A 316 -28.56 -58.22 14.02
C LEU A 316 -28.11 -59.66 14.27
N ALA A 317 -29.04 -60.50 14.71
CA ALA A 317 -28.79 -61.93 14.71
C ALA A 317 -28.69 -62.41 13.27
N THR A 318 -27.77 -63.33 13.01
CA THR A 318 -27.71 -64.01 11.72
C THR A 318 -27.81 -65.51 11.98
N GLY A 319 -27.08 -65.96 12.99
CA GLY A 319 -27.19 -67.34 13.43
C GLY A 319 -28.35 -67.53 14.39
N LEU A 320 -28.30 -68.58 15.18
CA LEU A 320 -29.46 -68.99 15.94
C LEU A 320 -29.20 -68.95 17.44
N ARG A 321 -30.25 -69.15 18.22
CA ARG A 321 -30.15 -69.18 19.68
C ARG A 321 -29.09 -70.19 20.11
N ASN A 322 -28.10 -69.74 20.85
CA ASN A 322 -26.96 -70.56 21.22
C ASN A 322 -27.28 -71.34 22.49
N VAL A 323 -27.43 -72.66 22.37
CA VAL A 323 -27.80 -73.48 23.53
C VAL A 323 -26.81 -74.63 23.69
N PRO A 324 -25.57 -74.32 24.09
CA PRO A 324 -24.56 -75.39 24.22
C PRO A 324 -24.77 -76.32 25.41
N GLN A 325 -24.44 -77.58 25.21
CA GLN A 325 -24.57 -78.61 26.24
C GLN A 325 -23.15 -79.13 26.53
N ILE A 326 -22.71 -79.12 27.78
CA ILE A 326 -23.51 -78.76 28.94
C ILE A 326 -23.55 -77.25 29.14
N GLY B 1 -39.84 -71.77 21.74
CA GLY B 1 -40.04 -70.90 20.59
C GLY B 1 -41.27 -71.24 19.78
N ILE B 2 -41.51 -70.42 18.77
CA ILE B 2 -42.70 -70.51 17.93
C ILE B 2 -42.90 -71.86 17.22
N PHE B 3 -41.82 -72.50 16.77
CA PHE B 3 -41.98 -73.77 16.07
C PHE B 3 -41.62 -74.98 16.94
N GLY B 4 -41.24 -74.72 18.18
CA GLY B 4 -41.11 -75.75 19.20
C GLY B 4 -39.88 -76.65 19.16
N ALA B 5 -38.96 -76.40 18.23
CA ALA B 5 -37.79 -77.26 18.08
C ALA B 5 -36.57 -76.74 18.87
N ILE B 6 -36.04 -75.59 18.49
CA ILE B 6 -34.86 -75.04 19.16
C ILE B 6 -35.19 -74.68 20.60
N ALA B 7 -34.35 -75.15 21.53
CA ALA B 7 -34.63 -75.03 22.96
C ALA B 7 -36.05 -75.51 23.26
N GLY B 8 -36.50 -76.51 22.50
CA GLY B 8 -37.83 -77.07 22.60
C GLY B 8 -37.77 -78.57 22.78
N PHE B 9 -38.41 -79.32 21.89
CA PHE B 9 -38.37 -80.77 22.00
C PHE B 9 -36.98 -81.30 21.67
N ILE B 10 -36.15 -80.44 21.06
CA ILE B 10 -34.72 -80.69 20.98
C ILE B 10 -34.06 -79.68 21.92
N GLU B 11 -33.75 -80.14 23.13
CA GLU B 11 -33.42 -79.28 24.27
C GLU B 11 -32.23 -78.36 24.05
N GLY B 12 -31.24 -78.83 23.30
CA GLY B 12 -30.01 -78.09 23.15
C GLY B 12 -29.33 -78.27 21.81
N GLY B 13 -28.33 -77.45 21.56
CA GLY B 13 -27.54 -77.53 20.34
C GLY B 13 -26.33 -78.43 20.47
N TRP B 14 -25.66 -78.66 19.34
CA TRP B 14 -24.47 -79.49 19.27
C TRP B 14 -23.21 -78.68 18.99
N THR B 15 -22.35 -78.52 19.99
CA THR B 15 -21.04 -77.92 19.75
C THR B 15 -20.22 -78.83 18.84
N GLY B 16 -20.56 -80.12 18.85
CA GLY B 16 -19.91 -81.10 18.00
C GLY B 16 -20.09 -80.91 16.51
N MET B 17 -21.18 -80.27 16.11
CA MET B 17 -21.46 -80.03 14.69
C MET B 17 -21.02 -78.62 14.29
N ILE B 18 -19.83 -78.52 13.71
CA ILE B 18 -19.18 -77.23 13.52
C ILE B 18 -19.30 -76.70 12.09
N ASP B 19 -19.80 -77.51 11.17
CA ASP B 19 -19.75 -77.15 9.76
C ASP B 19 -21.10 -76.72 9.19
N GLY B 20 -22.11 -76.59 10.03
CA GLY B 20 -23.40 -76.11 9.57
C GLY B 20 -24.34 -75.68 10.68
N TRP B 21 -25.41 -75.00 10.31
CA TRP B 21 -26.41 -74.54 11.28
C TRP B 21 -27.36 -75.66 11.71
N TYR B 22 -27.77 -76.51 10.77
CA TYR B 22 -28.68 -77.62 11.06
C TYR B 22 -28.06 -78.91 10.55
N GLY B 23 -28.38 -80.05 11.17
CA GLY B 23 -27.86 -81.31 10.67
C GLY B 23 -28.18 -82.56 11.46
N TYR B 24 -27.26 -83.52 11.41
CA TYR B 24 -27.54 -84.84 11.95
C TYR B 24 -26.43 -85.38 12.83
N HIS B 25 -26.82 -86.27 13.75
CA HIS B 25 -25.88 -87.13 14.45
C HIS B 25 -26.36 -88.57 14.33
N HIS B 26 -25.50 -89.44 13.80
CA HIS B 26 -25.89 -90.83 13.61
C HIS B 26 -25.05 -91.78 14.47
N GLU B 27 -25.60 -92.95 14.76
CA GLU B 27 -24.87 -94.03 15.43
C GLU B 27 -25.16 -95.35 14.75
N ASN B 28 -24.13 -96.06 14.32
CA ASN B 28 -24.30 -97.42 13.80
C ASN B 28 -23.06 -98.26 14.12
N SER B 29 -22.95 -99.44 13.51
CA SER B 29 -21.82 -100.35 13.78
C SER B 29 -20.47 -99.69 13.47
N GLN B 30 -20.45 -98.80 12.49
CA GLN B 30 -19.21 -98.13 12.09
C GLN B 30 -18.88 -96.96 13.01
N GLY B 31 -19.71 -96.74 14.02
CA GLY B 31 -19.46 -95.66 14.96
C GLY B 31 -20.45 -94.51 14.85
N SER B 32 -20.04 -93.34 15.36
CA SER B 32 -20.94 -92.19 15.39
C SER B 32 -20.25 -90.91 14.91
N GLY B 33 -21.05 -89.94 14.48
CA GLY B 33 -20.50 -88.67 14.02
C GLY B 33 -21.54 -87.59 13.74
N TYR B 34 -21.07 -86.36 13.59
CA TYR B 34 -21.93 -85.23 13.24
C TYR B 34 -21.82 -84.89 11.76
N ALA B 35 -22.93 -84.53 11.14
CA ALA B 35 -22.89 -84.05 9.77
C ALA B 35 -23.93 -82.96 9.55
N ALA B 36 -23.52 -81.89 8.90
CA ALA B 36 -24.42 -80.80 8.59
C ALA B 36 -25.30 -81.17 7.42
N ASP B 37 -26.55 -80.74 7.46
CA ASP B 37 -27.39 -80.81 6.27
C ASP B 37 -27.04 -79.59 5.43
N ARG B 38 -26.37 -79.83 4.30
CA ARG B 38 -25.77 -78.77 3.51
C ARG B 38 -26.83 -77.90 2.83
N GLU B 39 -27.88 -78.55 2.32
CA GLU B 39 -28.93 -77.89 1.57
C GLU B 39 -29.72 -76.88 2.42
N SER B 40 -30.18 -77.32 3.60
CA SER B 40 -30.99 -76.45 4.44
C SER B 40 -30.13 -75.33 5.03
N THR B 41 -28.90 -75.66 5.40
CA THR B 41 -27.97 -74.67 5.94
C THR B 41 -27.67 -73.59 4.90
N GLN B 42 -27.37 -74.00 3.67
CA GLN B 42 -26.99 -73.05 2.63
C GLN B 42 -28.17 -72.15 2.26
N LYS B 43 -29.35 -72.76 2.20
CA LYS B 43 -30.57 -72.04 1.90
C LYS B 43 -30.81 -70.96 2.94
N ALA B 44 -30.51 -71.28 4.20
CA ALA B 44 -30.66 -70.32 5.30
C ALA B 44 -29.60 -69.22 5.25
N ILE B 45 -28.36 -69.60 4.95
CA ILE B 45 -27.28 -68.63 4.79
C ILE B 45 -27.63 -67.65 3.68
N ASP B 46 -28.18 -68.14 2.57
CA ASP B 46 -28.54 -67.26 1.46
C ASP B 46 -29.64 -66.29 1.87
N GLY B 47 -30.67 -66.82 2.55
CA GLY B 47 -31.78 -66.00 3.01
C GLY B 47 -31.37 -64.92 3.97
N ILE B 48 -30.65 -65.30 5.03
CA ILE B 48 -30.20 -64.37 6.06
C ILE B 48 -29.24 -63.33 5.49
N THR B 49 -28.35 -63.75 4.60
CA THR B 49 -27.43 -62.82 3.94
C THR B 49 -28.20 -61.79 3.14
N ASN B 50 -29.23 -62.26 2.43
CA ASN B 50 -30.09 -61.39 1.66
C ASN B 50 -30.81 -60.38 2.56
N LYS B 51 -31.25 -60.84 3.73
CA LYS B 51 -31.94 -59.97 4.68
C LYS B 51 -31.01 -58.86 5.18
N VAL B 52 -29.80 -59.25 5.58
CA VAL B 52 -28.83 -58.29 6.06
C VAL B 52 -28.51 -57.27 4.97
N ASN B 53 -28.17 -57.74 3.77
CA ASN B 53 -27.86 -56.86 2.66
C ASN B 53 -29.03 -55.95 2.28
N SER B 54 -30.25 -56.47 2.37
CA SER B 54 -31.44 -55.66 2.07
C SER B 54 -31.62 -54.53 3.08
N ILE B 55 -31.41 -54.84 4.36
CA ILE B 55 -31.52 -53.85 5.41
C ILE B 55 -30.45 -52.77 5.22
N ILE B 56 -29.23 -53.21 4.91
CA ILE B 56 -28.13 -52.32 4.67
C ILE B 56 -28.43 -51.40 3.48
N ASN B 57 -29.00 -51.97 2.41
CA ASN B 57 -29.32 -51.18 1.22
C ASN B 57 -30.44 -50.16 1.49
N LYS B 58 -31.43 -50.53 2.30
CA LYS B 58 -32.54 -49.61 2.58
C LYS B 58 -32.10 -48.48 3.52
N MET B 59 -31.06 -48.75 4.30
CA MET B 59 -30.53 -47.78 5.26
C MET B 59 -29.41 -46.95 4.64
N ASN B 60 -29.32 -46.97 3.32
CA ASN B 60 -28.15 -46.46 2.60
C ASN B 60 -28.24 -44.99 2.20
N THR B 61 -29.17 -44.26 2.78
CA THR B 61 -29.22 -42.81 2.57
C THR B 61 -28.85 -42.14 3.89
N GLN B 62 -28.45 -40.87 3.85
CA GLN B 62 -28.15 -40.16 5.09
C GLN B 62 -28.86 -38.81 5.11
N PHE B 63 -29.42 -38.46 6.27
CA PHE B 63 -29.85 -37.08 6.46
C PHE B 63 -28.63 -36.27 6.87
N GLU B 64 -28.49 -35.07 6.32
CA GLU B 64 -27.30 -34.28 6.62
C GLU B 64 -27.61 -33.00 7.37
N ALA B 65 -27.09 -32.91 8.59
CA ALA B 65 -27.13 -31.70 9.37
C ALA B 65 -26.11 -30.70 8.82
N VAL B 66 -26.35 -29.40 9.03
CA VAL B 66 -25.42 -28.37 8.52
C VAL B 66 -24.73 -27.58 9.63
N ASP B 67 -23.65 -26.91 9.25
CA ASP B 67 -22.90 -26.06 10.17
C ASP B 67 -23.41 -24.61 10.18
N HIS B 68 -24.54 -24.35 9.51
CA HIS B 68 -25.03 -22.99 9.33
C HIS B 68 -25.33 -22.28 10.65
N GLU B 69 -24.99 -21.00 10.69
CA GLU B 69 -25.18 -20.20 11.89
C GLU B 69 -26.40 -19.31 11.75
N PHE B 70 -26.97 -18.92 12.88
CA PHE B 70 -28.10 -18.00 12.88
C PHE B 70 -27.86 -16.89 13.89
N SER B 71 -28.23 -15.66 13.52
CA SER B 71 -27.98 -14.49 14.36
C SER B 71 -28.98 -14.40 15.51
N ASN B 72 -28.82 -13.37 16.33
CA ASN B 72 -29.69 -13.14 17.48
C ASN B 72 -31.14 -12.85 17.07
N LEU B 73 -31.32 -12.35 15.85
CA LEU B 73 -32.64 -12.04 15.34
C LEU B 73 -33.16 -13.13 14.40
N GLU B 74 -32.54 -14.30 14.48
CA GLU B 74 -32.95 -15.46 13.69
C GLU B 74 -33.22 -16.68 14.58
N ARG B 75 -33.77 -16.43 15.76
CA ARG B 75 -34.11 -17.47 16.71
C ARG B 75 -35.14 -18.46 16.16
N ARG B 76 -36.11 -17.96 15.41
CA ARG B 76 -37.17 -18.81 14.89
C ARG B 76 -36.65 -19.78 13.80
N ILE B 77 -35.93 -19.28 12.80
CA ILE B 77 -35.44 -20.19 11.77
C ILE B 77 -34.30 -21.06 12.30
N GLY B 78 -33.54 -20.54 13.26
CA GLY B 78 -32.51 -21.33 13.91
C GLY B 78 -33.11 -22.50 14.67
N ASN B 79 -34.23 -22.25 15.33
CA ASN B 79 -34.92 -23.27 16.09
C ASN B 79 -35.64 -24.24 15.16
N LEU B 80 -36.08 -23.73 14.02
CA LEU B 80 -36.73 -24.56 13.01
C LEU B 80 -35.74 -25.62 12.51
N ASN B 81 -34.53 -25.19 12.18
CA ASN B 81 -33.49 -26.10 11.72
C ASN B 81 -33.15 -27.17 12.76
N LYS B 82 -33.08 -26.76 14.03
CA LYS B 82 -32.76 -27.69 15.10
C LYS B 82 -33.84 -28.74 15.28
N ARG B 83 -35.11 -28.32 15.31
CA ARG B 83 -36.21 -29.26 15.49
C ARG B 83 -36.35 -30.19 14.29
N MET B 84 -36.05 -29.69 13.10
CA MET B 84 -36.05 -30.52 11.92
C MET B 84 -34.95 -31.59 11.98
N GLU B 85 -33.73 -31.16 12.29
CA GLU B 85 -32.59 -32.08 12.35
C GLU B 85 -32.80 -33.11 13.45
N ASP B 86 -33.24 -32.65 14.62
CA ASP B 86 -33.60 -33.56 15.70
C ASP B 86 -34.74 -34.48 15.29
N GLY B 87 -35.67 -33.95 14.49
CA GLY B 87 -36.81 -34.73 14.05
C GLY B 87 -36.43 -35.94 13.23
N PHE B 88 -35.55 -35.74 12.25
CA PHE B 88 -35.13 -36.85 11.39
C PHE B 88 -34.22 -37.81 12.14
N LEU B 89 -33.40 -37.27 13.05
CA LEU B 89 -32.59 -38.11 13.91
C LEU B 89 -33.45 -39.07 14.75
N ASP B 90 -34.58 -38.58 15.26
CA ASP B 90 -35.47 -39.41 16.06
C ASP B 90 -36.19 -40.46 15.21
N VAL B 91 -36.62 -40.06 14.02
CA VAL B 91 -37.27 -40.98 13.09
C VAL B 91 -36.34 -42.12 12.72
N TRP B 92 -35.11 -41.80 12.31
CA TRP B 92 -34.19 -42.84 11.86
C TRP B 92 -33.68 -43.73 12.99
N THR B 93 -33.51 -43.15 14.18
CA THR B 93 -33.12 -43.93 15.35
C THR B 93 -34.23 -44.95 15.65
N TYR B 94 -35.48 -44.47 15.61
CA TYR B 94 -36.63 -45.35 15.78
C TYR B 94 -36.64 -46.46 14.73
N ASN B 95 -36.56 -46.07 13.46
CA ASN B 95 -36.58 -47.02 12.35
C ASN B 95 -35.53 -48.12 12.52
N ALA B 96 -34.31 -47.74 12.86
CA ALA B 96 -33.20 -48.69 13.01
C ALA B 96 -33.40 -49.63 14.21
N GLU B 97 -33.73 -49.06 15.36
CA GLU B 97 -33.84 -49.85 16.59
C GLU B 97 -35.05 -50.79 16.56
N LEU B 98 -36.17 -50.31 16.03
CA LEU B 98 -37.38 -51.12 15.95
C LEU B 98 -37.18 -52.27 14.97
N LEU B 99 -36.58 -51.97 13.82
CA LEU B 99 -36.35 -52.97 12.79
C LEU B 99 -35.45 -54.10 13.30
N VAL B 100 -34.40 -53.74 14.03
CA VAL B 100 -33.47 -54.73 14.57
C VAL B 100 -34.17 -55.66 15.54
N LEU B 101 -35.00 -55.11 16.43
CA LEU B 101 -35.74 -55.92 17.39
C LEU B 101 -36.71 -56.86 16.67
N LEU B 102 -37.41 -56.33 15.68
CA LEU B 102 -38.38 -57.10 14.91
C LEU B 102 -37.70 -58.22 14.11
N GLU B 103 -36.63 -57.88 13.40
CA GLU B 103 -35.98 -58.86 12.54
C GLU B 103 -35.23 -59.93 13.35
N ASN B 104 -34.70 -59.55 14.52
CA ASN B 104 -34.03 -60.53 15.36
C ASN B 104 -35.01 -61.59 15.82
N GLU B 105 -36.22 -61.15 16.17
CA GLU B 105 -37.26 -62.09 16.56
C GLU B 105 -37.59 -63.06 15.42
N ARG B 106 -37.67 -62.54 14.21
CA ARG B 106 -38.12 -63.34 13.07
C ARG B 106 -37.01 -64.26 12.57
N THR B 107 -35.77 -63.77 12.62
CA THR B 107 -34.62 -64.56 12.22
C THR B 107 -34.48 -65.81 13.08
N LEU B 108 -34.62 -65.66 14.40
CA LEU B 108 -34.54 -66.79 15.30
C LEU B 108 -35.68 -67.78 15.04
N ASP B 109 -36.87 -67.26 14.71
CA ASP B 109 -38.02 -68.11 14.37
C ASP B 109 -37.74 -68.90 13.09
N LEU B 110 -37.14 -68.22 12.11
CA LEU B 110 -36.74 -68.87 10.87
C LEU B 110 -35.86 -70.09 11.12
N HIS B 111 -34.85 -69.94 11.98
CA HIS B 111 -33.98 -71.06 12.34
C HIS B 111 -34.76 -72.18 13.03
N ASP B 112 -35.64 -71.78 13.93
CA ASP B 112 -36.50 -72.71 14.65
C ASP B 112 -37.34 -73.54 13.68
N ALA B 113 -37.93 -72.87 12.69
CA ALA B 113 -38.76 -73.55 11.69
C ALA B 113 -37.93 -74.51 10.83
N ASN B 114 -36.74 -74.09 10.42
CA ASN B 114 -35.88 -74.93 9.58
C ASN B 114 -35.48 -76.25 10.29
N VAL B 115 -35.23 -76.18 11.59
CA VAL B 115 -34.92 -77.37 12.36
C VAL B 115 -36.14 -78.28 12.41
N LYS B 116 -37.29 -77.68 12.72
CA LYS B 116 -38.55 -78.40 12.75
C LYS B 116 -38.83 -79.07 11.41
N ASN B 117 -38.62 -78.35 10.32
CA ASN B 117 -38.92 -78.91 9.01
C ASN B 117 -37.95 -80.05 8.66
N LEU B 118 -36.70 -79.93 9.08
CA LEU B 118 -35.72 -80.98 8.83
C LEU B 118 -36.11 -82.25 9.59
N TYR B 119 -36.50 -82.09 10.84
CA TYR B 119 -37.00 -83.19 11.64
C TYR B 119 -38.20 -83.89 10.97
N GLU B 120 -39.15 -83.11 10.47
CA GLU B 120 -40.34 -83.67 9.82
C GLU B 120 -39.97 -84.45 8.56
N LYS B 121 -38.96 -83.98 7.86
CA LYS B 121 -38.54 -84.56 6.59
C LYS B 121 -37.96 -85.96 6.81
N VAL B 122 -37.32 -86.15 7.95
CA VAL B 122 -36.75 -87.44 8.31
C VAL B 122 -37.84 -88.38 8.81
N LYS B 123 -38.72 -87.86 9.68
CA LYS B 123 -39.85 -88.61 10.18
C LYS B 123 -40.68 -89.19 9.05
N SER B 124 -40.90 -88.36 8.03
CA SER B 124 -41.68 -88.74 6.87
C SER B 124 -41.07 -89.90 6.08
N GLN B 125 -39.75 -89.90 5.92
CA GLN B 125 -39.08 -90.98 5.21
C GLN B 125 -39.08 -92.31 5.97
N LEU B 126 -38.85 -92.24 7.28
CA LEU B 126 -38.62 -93.45 8.07
C LEU B 126 -39.91 -94.19 8.40
N ARG B 127 -40.99 -93.46 8.63
CA ARG B 127 -42.28 -94.04 8.97
C ARG B 127 -42.16 -94.95 10.19
N ASP B 128 -42.67 -96.17 10.09
CA ASP B 128 -42.61 -97.09 11.23
C ASP B 128 -41.39 -98.01 11.20
N ASN B 129 -40.48 -97.78 10.25
CA ASN B 129 -39.20 -98.49 10.23
C ASN B 129 -38.28 -97.99 11.34
N ALA B 130 -38.70 -96.95 12.06
CA ALA B 130 -37.93 -96.45 13.19
C ALA B 130 -38.83 -95.97 14.31
N ASN B 131 -38.28 -95.91 15.52
CA ASN B 131 -38.98 -95.43 16.69
C ASN B 131 -38.56 -93.99 17.04
N ASP B 132 -39.54 -93.10 17.14
CA ASP B 132 -39.31 -91.68 17.45
C ASP B 132 -39.17 -91.50 18.96
N LEU B 133 -38.00 -91.09 19.42
CA LEU B 133 -37.74 -90.96 20.85
C LEU B 133 -38.28 -89.66 21.45
N GLY B 134 -38.78 -88.76 20.60
CA GLY B 134 -39.35 -87.52 21.08
C GLY B 134 -38.38 -86.37 21.32
N ASN B 135 -37.09 -86.63 21.11
CA ASN B 135 -36.06 -85.61 21.29
C ASN B 135 -35.32 -85.31 19.98
N GLY B 136 -35.97 -85.58 18.86
CA GLY B 136 -35.34 -85.43 17.56
C GLY B 136 -34.54 -86.65 17.12
N CYS B 137 -34.52 -87.69 17.94
CA CYS B 137 -33.77 -88.89 17.60
C CYS B 137 -34.68 -90.03 17.16
N PHE B 138 -34.20 -90.83 16.21
CA PHE B 138 -34.93 -91.99 15.73
C PHE B 138 -34.10 -93.25 15.91
N GLU B 139 -34.70 -94.28 16.50
CA GLU B 139 -34.06 -95.58 16.63
C GLU B 139 -34.57 -96.53 15.56
N PHE B 140 -33.69 -97.00 14.69
CA PHE B 140 -34.09 -97.89 13.60
C PHE B 140 -34.50 -99.28 14.09
N TRP B 141 -35.54 -99.84 13.48
CA TRP B 141 -35.94 -101.22 13.76
C TRP B 141 -35.15 -102.18 12.88
N HIS B 142 -34.19 -101.63 12.14
CA HIS B 142 -33.35 -102.43 11.25
C HIS B 142 -31.91 -101.92 11.28
N LYS B 143 -30.99 -102.69 10.73
CA LYS B 143 -29.61 -102.23 10.65
C LYS B 143 -29.49 -101.20 9.53
N CYS B 144 -28.89 -100.06 9.87
CA CYS B 144 -28.75 -98.97 8.92
C CYS B 144 -27.28 -98.58 8.81
N ASP B 145 -26.61 -99.06 7.78
CA ASP B 145 -25.18 -98.79 7.63
C ASP B 145 -24.94 -97.37 7.14
N ASN B 146 -23.69 -97.05 6.79
CA ASN B 146 -23.33 -95.69 6.37
C ASN B 146 -24.11 -95.21 5.13
N GLU B 147 -24.36 -96.10 4.18
CA GLU B 147 -25.06 -95.68 2.97
C GLU B 147 -26.55 -95.53 3.23
N CYS B 148 -27.09 -96.34 4.15
CA CYS B 148 -28.46 -96.18 4.60
C CYS B 148 -28.62 -94.82 5.33
N MET B 149 -27.67 -94.53 6.23
CA MET B 149 -27.65 -93.25 6.92
C MET B 149 -27.60 -92.08 5.94
N GLU B 150 -26.72 -92.19 4.95
CA GLU B 150 -26.55 -91.12 3.99
C GLU B 150 -27.81 -90.96 3.13
N SER B 151 -28.54 -92.06 2.90
CA SER B 151 -29.76 -91.99 2.10
C SER B 151 -30.84 -91.24 2.87
N VAL B 152 -30.87 -91.41 4.18
CA VAL B 152 -31.78 -90.66 5.04
C VAL B 152 -31.46 -89.17 4.94
N LYS B 153 -30.17 -88.86 4.97
CA LYS B 153 -29.71 -87.48 4.99
C LYS B 153 -29.91 -86.76 3.66
N ASN B 154 -29.89 -87.50 2.55
CA ASN B 154 -30.04 -86.84 1.25
C ASN B 154 -31.42 -87.07 0.64
N GLY B 155 -32.33 -87.62 1.45
CA GLY B 155 -33.72 -87.71 1.06
C GLY B 155 -34.13 -88.88 0.18
N THR B 156 -33.25 -89.87 0.04
CA THR B 156 -33.52 -91.01 -0.83
C THR B 156 -33.69 -92.34 -0.08
N TYR B 157 -33.94 -92.27 1.22
CA TYR B 157 -34.13 -93.46 2.04
C TYR B 157 -35.17 -94.42 1.44
N ASP B 158 -34.87 -95.71 1.47
CA ASP B 158 -35.69 -96.72 0.83
C ASP B 158 -36.53 -97.47 1.86
N TYR B 159 -37.73 -96.97 2.15
CA TYR B 159 -38.61 -97.59 3.15
C TYR B 159 -39.00 -99.04 2.82
N PRO B 160 -39.38 -99.34 1.56
CA PRO B 160 -39.74 -100.74 1.28
C PRO B 160 -38.61 -101.74 1.51
N LYS B 161 -37.39 -101.34 1.18
CA LYS B 161 -36.22 -102.20 1.32
C LYS B 161 -36.06 -102.76 2.73
N TYR B 162 -36.32 -101.93 3.74
CA TYR B 162 -36.13 -102.35 5.13
C TYR B 162 -37.43 -102.67 5.84
N GLN B 163 -38.54 -102.62 5.11
CA GLN B 163 -39.84 -102.76 5.74
C GLN B 163 -40.04 -104.08 6.48
N LYS B 164 -39.78 -105.18 5.78
CA LYS B 164 -40.05 -106.50 6.33
C LYS B 164 -39.18 -106.77 7.56
N GLU B 165 -37.89 -106.45 7.44
CA GLU B 165 -36.96 -106.61 8.54
C GLU B 165 -37.38 -105.78 9.75
N SER B 166 -37.81 -104.55 9.51
CA SER B 166 -38.28 -103.67 10.58
C SER B 166 -39.55 -104.21 11.22
N LYS B 167 -40.48 -104.68 10.39
CA LYS B 167 -41.74 -105.24 10.88
C LYS B 167 -41.51 -106.40 11.84
N LEU B 168 -40.58 -107.28 11.50
CA LEU B 168 -40.27 -108.44 12.33
C LEU B 168 -39.71 -108.02 13.69
N ASN B 169 -38.76 -107.10 13.69
CA ASN B 169 -38.15 -106.64 14.93
C ASN B 169 -39.14 -105.82 15.75
N ARG B 170 -39.99 -105.07 15.06
CA ARG B 170 -41.05 -104.29 15.71
C ARG B 170 -42.06 -105.21 16.39
N GLN B 171 -42.30 -106.36 15.79
CA GLN B 171 -43.26 -107.33 16.30
C GLN B 171 -42.59 -108.65 16.67
N ASP C 1 7.80 -23.07 -5.86
CA ASP C 1 8.04 -22.05 -4.84
C ASP C 1 9.36 -21.29 -5.10
N LYS C 2 9.25 -19.98 -5.21
CA LYS C 2 10.35 -19.12 -5.65
C LYS C 2 10.40 -17.80 -4.90
N ILE C 3 11.60 -17.24 -4.75
CA ILE C 3 11.73 -15.86 -4.35
C ILE C 3 12.84 -15.22 -5.19
N CYS C 4 12.61 -14.00 -5.67
CA CYS C 4 13.56 -13.30 -6.51
C CYS C 4 13.92 -11.96 -5.88
N ILE C 5 15.14 -11.51 -6.14
CA ILE C 5 15.58 -10.19 -5.70
C ILE C 5 15.61 -9.29 -6.94
N GLY C 6 15.14 -8.06 -6.80
CA GLY C 6 15.06 -7.17 -7.93
C GLY C 6 14.93 -5.72 -7.56
N TYR C 7 14.71 -4.87 -8.56
CA TYR C 7 14.74 -3.44 -8.35
C TYR C 7 13.62 -2.72 -9.11
N HIS C 8 13.35 -1.50 -8.65
CA HIS C 8 12.26 -0.69 -9.14
C HIS C 8 12.45 -0.23 -10.59
N ALA C 9 11.35 -0.25 -11.35
CA ALA C 9 11.29 0.38 -12.65
C ALA C 9 9.99 1.17 -12.74
N ASN C 10 9.93 2.15 -13.64
CA ASN C 10 8.71 2.93 -13.80
C ASN C 10 8.62 3.49 -15.22
N ASN C 11 7.74 4.44 -15.44
CA ASN C 11 7.50 4.94 -16.80
C ASN C 11 8.32 6.18 -17.13
N SER C 12 9.28 6.52 -16.27
CA SER C 12 10.12 7.70 -16.45
C SER C 12 10.88 7.69 -17.76
N THR C 13 10.94 8.86 -18.41
CA THR C 13 11.77 9.04 -19.60
C THR C 13 12.80 10.14 -19.36
N THR C 14 12.87 10.61 -18.12
CA THR C 14 13.81 11.64 -17.73
C THR C 14 15.23 11.07 -17.65
N GLN C 15 16.20 11.79 -18.20
CA GLN C 15 17.56 11.28 -18.32
C GLN C 15 18.60 12.16 -17.61
N VAL C 16 19.74 11.57 -17.30
CA VAL C 16 20.87 12.29 -16.73
C VAL C 16 22.13 11.86 -17.46
N ASP C 17 23.20 12.62 -17.29
CA ASP C 17 24.50 12.22 -17.80
C ASP C 17 25.42 11.84 -16.65
N THR C 18 26.36 10.96 -16.92
CA THR C 18 27.40 10.63 -15.95
C THR C 18 28.74 10.78 -16.67
N LEU C 19 29.83 10.70 -15.91
CA LEU C 19 31.16 10.70 -16.51
C LEU C 19 31.32 9.59 -17.54
N LEU C 20 30.71 8.43 -17.29
CA LEU C 20 30.86 7.27 -18.17
C LEU C 20 29.85 7.20 -19.32
N GLU C 21 28.68 7.79 -19.12
CA GLU C 21 27.58 7.57 -20.05
C GLU C 21 26.65 8.76 -20.14
N LYS C 22 26.24 9.10 -21.35
CA LYS C 22 25.29 10.18 -21.55
C LYS C 22 23.89 9.60 -21.71
N ASN C 23 22.86 10.40 -21.40
CA ASN C 23 21.48 10.01 -21.67
C ASN C 23 21.05 8.72 -20.96
N VAL C 24 21.25 8.66 -19.65
CA VAL C 24 20.79 7.52 -18.86
C VAL C 24 19.43 7.81 -18.24
N THR C 25 18.43 7.01 -18.61
CA THR C 25 17.10 7.16 -18.05
C THR C 25 17.08 6.63 -16.61
N VAL C 26 16.58 7.45 -15.69
CA VAL C 26 16.56 7.06 -14.28
C VAL C 26 15.15 7.17 -13.71
N THR C 27 14.85 6.35 -12.70
CA THR C 27 13.52 6.31 -12.11
C THR C 27 13.19 7.60 -11.38
N HIS C 28 14.20 8.22 -10.76
CA HIS C 28 14.00 9.46 -10.01
C HIS C 28 15.22 10.38 -10.16
N SER C 29 14.96 11.67 -10.22
CA SER C 29 16.02 12.67 -10.36
C SER C 29 15.52 14.04 -9.93
N VAL C 30 16.44 14.96 -9.69
CA VAL C 30 16.06 16.31 -9.29
C VAL C 30 16.84 17.34 -10.10
N GLU C 31 16.13 18.33 -10.65
CA GLU C 31 16.76 19.42 -11.39
C GLU C 31 17.18 20.55 -10.45
N LEU C 32 18.46 20.88 -10.44
CA LEU C 32 18.98 21.89 -9.52
C LEU C 32 19.00 23.30 -10.10
N LEU C 33 18.80 23.43 -11.40
CA LEU C 33 18.95 24.72 -12.06
C LEU C 33 17.61 25.33 -12.49
N GLU C 34 17.47 26.64 -12.24
CA GLU C 34 16.29 27.39 -12.65
C GLU C 34 16.55 28.19 -13.93
N ASN C 35 15.76 27.95 -14.98
CA ASN C 35 15.90 28.76 -16.19
C ASN C 35 14.70 29.66 -16.49
N GLN C 36 13.72 29.71 -15.59
CA GLN C 36 12.52 30.52 -15.81
C GLN C 36 12.54 31.80 -14.99
N LYS C 37 11.97 32.85 -15.57
CA LYS C 37 11.93 34.18 -14.95
C LYS C 37 10.58 34.84 -15.24
N GLU C 38 10.17 35.76 -14.38
CA GLU C 38 9.06 36.67 -14.69
C GLU C 38 9.67 37.94 -15.24
N LYS C 39 9.33 38.31 -16.46
CA LYS C 39 10.00 39.45 -17.10
C LYS C 39 9.41 40.78 -16.63
N ARG C 40 9.82 41.20 -15.43
CA ARG C 40 9.28 42.38 -14.77
C ARG C 40 10.05 42.67 -13.49
N PHE C 41 9.83 43.87 -12.95
CA PHE C 41 10.43 44.25 -11.68
C PHE C 41 9.36 44.28 -10.59
N CYS C 42 9.70 43.72 -9.43
CA CYS C 42 8.77 43.67 -8.32
C CYS C 42 9.37 44.36 -7.11
N LYS C 43 8.61 44.39 -6.02
CA LYS C 43 9.13 44.92 -4.75
C LYS C 43 10.07 43.92 -4.11
N ILE C 44 11.07 44.42 -3.38
CA ILE C 44 12.00 43.58 -2.65
C ILE C 44 11.89 43.91 -1.18
N MET C 45 11.50 42.92 -0.38
CA MET C 45 11.25 43.08 1.04
C MET C 45 10.18 44.15 1.26
N ASN C 46 9.10 44.05 0.47
CA ASN C 46 7.95 44.93 0.54
C ASN C 46 8.31 46.39 0.25
N LYS C 47 9.47 46.62 -0.36
CA LYS C 47 9.88 47.98 -0.69
C LYS C 47 10.02 48.13 -2.21
N ALA C 48 9.37 49.16 -2.74
CA ALA C 48 9.31 49.36 -4.19
C ALA C 48 10.60 49.96 -4.72
N PRO C 49 10.93 49.65 -5.98
CA PRO C 49 12.07 50.29 -6.63
C PRO C 49 11.75 51.71 -7.08
N LEU C 50 12.78 52.47 -7.42
CA LEU C 50 12.62 53.82 -7.94
C LEU C 50 12.79 53.83 -9.46
N ASP C 51 11.71 54.14 -10.17
CA ASP C 51 11.74 54.26 -11.63
C ASP C 51 12.15 55.68 -12.04
N LEU C 52 13.29 55.80 -12.71
CA LEU C 52 13.80 57.11 -13.11
C LEU C 52 13.13 57.58 -14.40
N LYS C 53 12.40 56.69 -15.05
CA LYS C 53 11.62 56.97 -16.25
C LYS C 53 12.43 57.67 -17.34
N ASP C 54 12.09 58.93 -17.62
CA ASP C 54 12.73 59.64 -18.74
C ASP C 54 13.95 60.44 -18.26
N CYS C 55 14.32 60.26 -17.01
CA CYS C 55 15.50 60.93 -16.47
C CYS C 55 16.65 59.96 -16.22
N THR C 56 17.87 60.41 -16.45
CA THR C 56 19.05 59.63 -16.08
C THR C 56 19.39 59.96 -14.64
N ILE C 57 20.35 59.22 -14.07
CA ILE C 57 20.78 59.47 -12.70
C ILE C 57 21.22 60.94 -12.53
N GLU C 58 22.00 61.46 -13.49
CA GLU C 58 22.47 62.84 -13.39
C GLU C 58 21.29 63.82 -13.40
N GLY C 59 20.38 63.62 -14.35
CA GLY C 59 19.19 64.46 -14.44
C GLY C 59 18.39 64.49 -13.15
N TRP C 60 18.33 63.34 -12.48
CA TRP C 60 17.60 63.20 -11.23
C TRP C 60 18.22 63.98 -10.07
N ILE C 61 19.48 63.68 -9.69
CA ILE C 61 20.03 64.29 -8.48
C ILE C 61 20.58 65.68 -8.74
N LEU C 62 20.79 66.06 -10.00
CA LEU C 62 21.15 67.44 -10.29
C LEU C 62 19.91 68.32 -10.26
N GLY C 63 18.75 67.72 -10.51
CA GLY C 63 17.50 68.45 -10.52
C GLY C 63 17.15 69.09 -11.85
N ASN C 64 17.44 68.40 -12.95
CA ASN C 64 17.01 68.79 -14.28
C ASN C 64 15.52 69.13 -14.21
N PRO C 65 15.15 70.32 -14.70
CA PRO C 65 13.80 70.88 -14.57
C PRO C 65 12.70 69.96 -15.11
N LYS C 66 13.07 69.05 -16.01
CA LYS C 66 12.13 68.10 -16.57
C LYS C 66 12.03 66.81 -15.73
N CYS C 67 12.67 66.80 -14.57
CA CYS C 67 12.64 65.64 -13.67
C CYS C 67 11.91 65.94 -12.37
N ASP C 68 11.04 66.95 -12.39
CA ASP C 68 10.30 67.37 -11.21
C ASP C 68 9.43 66.26 -10.62
N LEU C 69 9.04 65.30 -11.44
CA LEU C 69 8.28 64.14 -10.95
C LEU C 69 9.08 63.39 -9.89
N LEU C 70 10.41 63.35 -10.05
CA LEU C 70 11.28 62.66 -9.11
C LEU C 70 11.67 63.54 -7.92
N LEU C 71 11.50 64.85 -8.07
CA LEU C 71 12.08 65.83 -7.16
C LEU C 71 11.67 65.65 -5.70
N GLY C 72 12.63 65.74 -4.79
CA GLY C 72 12.37 65.58 -3.36
C GLY C 72 12.86 64.28 -2.73
N ASP C 73 12.11 63.81 -1.74
CA ASP C 73 12.44 62.59 -1.02
C ASP C 73 12.19 61.33 -1.84
N GLN C 74 13.11 60.36 -1.74
CA GLN C 74 12.90 59.04 -2.35
C GLN C 74 13.41 57.92 -1.45
N SER C 75 12.65 56.84 -1.40
CA SER C 75 13.09 55.58 -0.79
C SER C 75 13.04 54.49 -1.84
N TRP C 76 14.02 53.60 -1.85
CA TRP C 76 14.06 52.54 -2.88
C TRP C 76 14.76 51.27 -2.41
N SER C 77 14.30 50.15 -2.94
CA SER C 77 14.96 48.86 -2.76
C SER C 77 16.04 48.67 -3.83
N TYR C 78 15.79 49.24 -5.01
CA TYR C 78 16.79 49.35 -6.06
C TYR C 78 16.36 50.39 -7.08
N ILE C 79 17.21 50.68 -8.05
CA ILE C 79 16.94 51.72 -9.02
C ILE C 79 16.81 51.15 -10.43
N VAL C 80 15.76 51.57 -11.14
CA VAL C 80 15.59 51.22 -12.53
C VAL C 80 15.84 52.46 -13.39
N GLU C 81 16.85 52.39 -14.25
CA GLU C 81 17.15 53.47 -15.16
C GLU C 81 16.81 53.00 -16.57
N ARG C 82 16.08 53.83 -17.31
CA ARG C 82 15.62 53.45 -18.64
C ARG C 82 16.70 53.82 -19.68
N PRO C 83 16.94 52.91 -20.64
CA PRO C 83 18.02 53.00 -21.62
C PRO C 83 18.03 54.24 -22.50
N ASN C 84 16.85 54.71 -22.91
CA ASN C 84 16.77 55.85 -23.83
C ASN C 84 16.35 57.12 -23.12
N ALA C 85 16.48 57.16 -21.79
CA ALA C 85 16.13 58.32 -20.99
C ALA C 85 16.82 59.57 -21.51
N GLN C 86 16.05 60.64 -21.68
CA GLN C 86 16.56 61.82 -22.38
C GLN C 86 17.00 62.95 -21.46
N ASN C 87 16.54 62.96 -20.22
CA ASN C 87 16.76 64.10 -19.35
C ASN C 87 17.92 63.92 -18.38
N GLY C 88 19.10 64.37 -18.82
CA GLY C 88 20.30 64.29 -18.01
C GLY C 88 20.92 65.63 -17.70
N ILE C 89 22.18 65.79 -18.10
CA ILE C 89 22.86 67.08 -17.99
C ILE C 89 22.45 67.95 -19.16
N CYS C 90 21.62 68.95 -18.91
CA CYS C 90 21.04 69.73 -20.00
C CYS C 90 22.00 70.81 -20.48
N TYR C 91 22.59 71.56 -19.56
CA TYR C 91 23.63 72.51 -19.92
C TYR C 91 24.96 71.77 -19.99
N PRO C 92 25.56 71.72 -21.19
CA PRO C 92 26.70 70.85 -21.49
C PRO C 92 27.86 70.98 -20.52
N GLY C 93 28.49 69.84 -20.24
CA GLY C 93 29.62 69.79 -19.32
C GLY C 93 29.79 68.42 -18.70
N VAL C 94 30.88 68.26 -17.96
CA VAL C 94 31.21 66.97 -17.36
C VAL C 94 30.85 66.95 -15.89
N LEU C 95 30.25 65.86 -15.43
CA LEU C 95 30.06 65.66 -13.99
C LEU C 95 31.24 64.80 -13.51
N ASN C 96 32.11 65.39 -12.71
CA ASN C 96 33.37 64.77 -12.40
C ASN C 96 33.20 63.65 -11.39
N GLU C 97 33.98 62.58 -11.57
CA GLU C 97 33.86 61.35 -10.79
C GLU C 97 32.44 60.80 -10.91
N LEU C 98 31.93 60.76 -12.13
CA LEU C 98 30.57 60.28 -12.39
C LEU C 98 30.37 58.83 -11.97
N GLU C 99 31.34 57.97 -12.28
CA GLU C 99 31.19 56.54 -12.02
C GLU C 99 31.18 56.28 -10.51
N GLU C 100 32.04 56.98 -9.78
CA GLU C 100 32.06 56.90 -8.32
C GLU C 100 30.77 57.45 -7.69
N LEU C 101 30.18 58.48 -8.30
CA LEU C 101 28.90 59.01 -7.84
C LEU C 101 27.77 57.98 -7.99
N LYS C 102 27.74 57.30 -9.13
CA LYS C 102 26.73 56.26 -9.36
C LYS C 102 26.88 55.11 -8.39
N ALA C 103 28.12 54.75 -8.08
CA ALA C 103 28.39 53.66 -7.15
C ALA C 103 27.93 54.06 -5.75
N PHE C 104 28.14 55.32 -5.41
CA PHE C 104 27.72 55.84 -4.11
C PHE C 104 26.20 55.84 -3.98
N ILE C 105 25.53 56.39 -4.98
CA ILE C 105 24.07 56.48 -4.97
C ILE C 105 23.49 55.08 -4.90
N GLY C 106 24.10 54.15 -5.63
CA GLY C 106 23.67 52.76 -5.62
C GLY C 106 23.76 52.09 -4.26
N SER C 107 24.64 52.59 -3.40
CA SER C 107 24.82 52.02 -2.07
C SER C 107 23.80 52.57 -1.06
N GLY C 108 22.88 53.40 -1.53
CA GLY C 108 21.90 54.01 -0.64
C GLY C 108 20.52 53.41 -0.74
N GLU C 109 19.64 53.77 0.20
CA GLU C 109 18.25 53.33 0.15
C GLU C 109 17.27 54.51 0.27
N ARG C 110 17.78 55.68 0.61
CA ARG C 110 16.93 56.86 0.77
C ARG C 110 17.69 58.18 0.72
N VAL C 111 17.08 59.19 0.08
CA VAL C 111 17.57 60.56 0.16
C VAL C 111 16.46 61.49 0.63
N GLU C 112 16.81 62.44 1.51
CA GLU C 112 15.89 63.46 1.93
C GLU C 112 16.40 64.80 1.47
N ARG C 113 15.65 65.45 0.59
CA ARG C 113 16.04 66.74 0.01
C ARG C 113 15.71 67.87 0.96
N PHE C 114 16.64 68.81 1.08
CA PHE C 114 16.48 69.97 1.93
C PHE C 114 17.26 71.14 1.33
N GLU C 115 16.95 72.35 1.76
CA GLU C 115 17.62 73.54 1.26
C GLU C 115 18.91 73.76 2.07
N MET C 116 20.04 73.61 1.39
CA MET C 116 21.33 73.67 2.07
C MET C 116 21.86 75.10 2.12
N PHE C 117 21.68 75.83 1.02
CA PHE C 117 22.06 77.24 0.93
C PHE C 117 20.93 78.06 0.30
N PRO C 118 20.12 78.75 1.12
CA PRO C 118 19.09 79.65 0.60
C PRO C 118 19.76 80.80 -0.19
N LYS C 119 19.07 81.35 -1.19
CA LYS C 119 19.66 82.35 -2.08
C LYS C 119 20.21 83.58 -1.36
N SER C 120 19.62 83.91 -0.21
CA SER C 120 20.11 85.02 0.63
C SER C 120 21.55 84.84 1.06
N THR C 121 22.08 83.62 0.99
CA THR C 121 23.45 83.29 1.40
C THR C 121 24.45 84.19 0.68
N TRP C 122 24.15 84.50 -0.58
CA TRP C 122 25.09 85.20 -1.45
C TRP C 122 24.72 86.69 -1.57
N ALA C 123 25.48 87.52 -0.86
CA ALA C 123 25.09 88.90 -0.57
C ALA C 123 25.00 89.83 -1.78
N GLY C 124 26.14 90.04 -2.45
CA GLY C 124 26.23 91.12 -3.41
C GLY C 124 25.97 90.79 -4.86
N VAL C 125 25.18 89.74 -5.09
CA VAL C 125 25.02 89.20 -6.43
C VAL C 125 23.56 88.93 -6.79
N ASP C 126 23.32 88.55 -8.04
CA ASP C 126 21.97 88.28 -8.51
C ASP C 126 21.69 86.78 -8.63
N THR C 127 20.70 86.30 -7.88
CA THR C 127 20.33 84.89 -7.87
C THR C 127 19.03 84.60 -8.61
N SER C 128 18.50 85.60 -9.32
CA SER C 128 17.19 85.44 -9.96
C SER C 128 17.25 85.23 -11.48
N ARG C 129 18.42 85.43 -12.08
CA ARG C 129 18.50 85.42 -13.55
C ARG C 129 19.25 84.23 -14.11
N GLY C 130 19.62 83.28 -13.26
CA GLY C 130 20.39 82.13 -13.69
C GLY C 130 19.57 81.05 -14.38
N VAL C 131 19.13 81.35 -15.61
CA VAL C 131 18.40 80.38 -16.42
C VAL C 131 19.01 80.32 -17.82
N THR C 132 18.68 79.26 -18.55
CA THR C 132 19.22 79.04 -19.89
C THR C 132 18.27 78.22 -20.74
N ASN C 133 18.28 78.50 -22.05
CA ASN C 133 17.42 77.80 -22.99
C ASN C 133 17.90 76.37 -23.23
N ALA C 134 19.10 76.06 -22.73
CA ALA C 134 19.62 74.70 -22.79
C ALA C 134 18.89 73.79 -21.81
N CYS C 135 18.34 74.38 -20.75
CA CYS C 135 17.66 73.62 -19.71
C CYS C 135 16.20 74.03 -19.57
N PRO C 136 15.37 73.69 -20.57
CA PRO C 136 13.96 74.06 -20.45
C PRO C 136 13.20 73.22 -19.44
N SER C 137 12.20 73.83 -18.81
CA SER C 137 11.21 73.11 -18.02
C SER C 137 10.18 72.49 -18.98
N TYR C 138 9.11 71.92 -18.43
CA TYR C 138 8.02 71.45 -19.27
C TYR C 138 7.09 72.59 -19.67
N THR C 139 7.10 73.66 -18.88
CA THR C 139 6.21 74.79 -19.12
C THR C 139 6.91 76.05 -19.63
N ILE C 140 8.20 76.20 -19.35
CA ILE C 140 8.94 77.39 -19.76
C ILE C 140 10.22 77.05 -20.52
N ASP C 141 10.61 77.93 -21.43
CA ASP C 141 11.71 77.68 -22.36
C ASP C 141 13.09 77.76 -21.72
N SER C 142 13.23 78.56 -20.67
CA SER C 142 14.53 78.72 -20.02
C SER C 142 14.42 78.55 -18.52
N SER C 143 15.11 77.54 -18.00
CA SER C 143 15.09 77.23 -16.57
C SER C 143 16.48 76.81 -16.14
N PHE C 144 16.57 76.11 -15.01
CA PHE C 144 17.85 75.59 -14.52
C PHE C 144 17.64 74.48 -13.50
N TYR C 145 18.73 73.84 -13.10
CA TYR C 145 18.71 72.77 -12.12
C TYR C 145 18.10 73.24 -10.81
N ARG C 146 17.21 72.41 -10.25
CA ARG C 146 16.48 72.76 -9.05
C ARG C 146 17.39 72.77 -7.82
N ASN C 147 18.54 72.11 -7.93
CA ASN C 147 19.46 71.98 -6.80
C ASN C 147 20.65 72.94 -6.90
N LEU C 148 20.74 73.67 -8.00
CA LEU C 148 21.82 74.62 -8.21
C LEU C 148 21.31 76.02 -8.47
N VAL C 149 22.14 77.02 -8.19
CA VAL C 149 21.83 78.41 -8.52
C VAL C 149 22.92 79.00 -9.41
N TRP C 150 22.54 79.38 -10.63
CA TRP C 150 23.49 80.05 -11.50
C TRP C 150 23.55 81.53 -11.13
N ILE C 151 24.64 81.92 -10.48
CA ILE C 151 24.79 83.27 -9.94
C ILE C 151 25.49 84.20 -10.94
N VAL C 152 24.90 85.37 -11.17
CA VAL C 152 25.52 86.39 -12.01
C VAL C 152 25.60 87.71 -11.23
N LYS C 153 26.40 88.63 -11.73
CA LYS C 153 26.54 89.95 -11.11
C LYS C 153 25.26 90.77 -11.25
N THR C 154 25.00 91.63 -10.28
CA THR C 154 23.89 92.57 -10.39
C THR C 154 24.22 93.60 -11.48
N ASP C 155 23.21 94.33 -11.93
CA ASP C 155 23.36 95.25 -13.05
C ASP C 155 24.54 96.23 -12.88
N SER C 156 25.45 96.17 -13.85
CA SER C 156 26.60 97.07 -13.95
C SER C 156 27.62 96.97 -12.80
N ALA C 157 27.16 96.57 -11.62
CA ALA C 157 28.03 96.50 -10.44
C ALA C 157 29.11 95.44 -10.63
N THR C 158 30.14 95.49 -9.79
CA THR C 158 31.18 94.48 -9.81
C THR C 158 30.70 93.17 -9.16
N TYR C 159 31.41 92.07 -9.35
CA TYR C 159 31.05 90.80 -8.72
C TYR C 159 31.96 90.66 -7.51
N PRO C 160 31.38 90.74 -6.30
CA PRO C 160 32.20 90.73 -5.09
C PRO C 160 32.55 89.33 -4.60
N VAL C 161 33.36 89.25 -3.55
CA VAL C 161 33.61 87.98 -2.89
C VAL C 161 32.35 87.58 -2.15
N ILE C 162 31.81 86.41 -2.49
CA ILE C 162 30.63 85.89 -1.80
C ILE C 162 31.04 84.71 -0.93
N LYS C 163 30.35 84.52 0.17
CA LYS C 163 30.69 83.44 1.10
C LYS C 163 29.45 82.72 1.63
N GLY C 164 29.63 81.45 1.96
CA GLY C 164 28.57 80.64 2.50
C GLY C 164 29.15 79.53 3.37
N THR C 165 28.39 79.11 4.37
CA THR C 165 28.85 78.07 5.28
C THR C 165 27.69 77.19 5.73
N TYR C 166 27.96 75.90 5.90
CA TYR C 166 26.95 74.98 6.41
C TYR C 166 27.58 73.95 7.33
N ASN C 167 27.04 73.89 8.55
CA ASN C 167 27.50 72.96 9.57
C ASN C 167 26.51 71.79 9.64
N ASN C 168 26.98 70.59 9.32
CA ASN C 168 26.13 69.40 9.35
C ASN C 168 26.03 68.92 10.79
N THR C 169 24.93 69.28 11.45
CA THR C 169 24.75 68.98 12.86
C THR C 169 23.93 67.70 13.02
N GLY C 170 23.48 67.16 11.89
CA GLY C 170 22.69 65.93 11.89
C GLY C 170 23.54 64.68 11.96
N THR C 171 22.88 63.53 11.86
CA THR C 171 23.54 62.23 11.99
C THR C 171 23.80 61.56 10.64
N GLN C 172 23.34 62.19 9.57
CA GLN C 172 23.44 61.60 8.24
C GLN C 172 24.38 62.39 7.35
N PRO C 173 25.14 61.68 6.50
CA PRO C 173 25.98 62.35 5.50
C PRO C 173 25.12 63.12 4.51
N ILE C 174 25.70 64.16 3.90
CA ILE C 174 24.95 64.98 2.96
C ILE C 174 25.59 64.96 1.58
N LEU C 175 24.82 64.54 0.59
CA LEU C 175 25.26 64.55 -0.80
C LEU C 175 24.89 65.89 -1.44
N TYR C 176 25.87 66.66 -1.88
CA TYR C 176 25.62 67.97 -2.48
C TYR C 176 26.41 68.21 -3.76
N PHE C 177 26.01 69.22 -4.52
CA PHE C 177 26.58 69.48 -5.84
C PHE C 177 26.91 70.96 -6.05
N TRP C 178 27.84 71.22 -6.96
CA TRP C 178 28.18 72.58 -7.34
C TRP C 178 28.88 72.58 -8.69
N GLY C 179 29.15 73.77 -9.23
CA GLY C 179 29.74 73.87 -10.54
C GLY C 179 30.63 75.07 -10.77
N VAL C 180 31.38 75.02 -11.86
CA VAL C 180 32.18 76.16 -12.30
C VAL C 180 31.85 76.44 -13.76
N HIS C 181 31.43 77.67 -14.05
CA HIS C 181 31.06 78.03 -15.41
C HIS C 181 32.28 78.44 -16.23
N HIS C 182 32.39 77.91 -17.44
CA HIS C 182 33.44 78.30 -18.37
C HIS C 182 32.84 78.92 -19.64
N PRO C 183 32.82 80.27 -19.72
CA PRO C 183 32.25 80.93 -20.90
C PRO C 183 33.07 80.70 -22.18
N LEU C 184 32.40 80.77 -23.33
CA LEU C 184 33.06 80.57 -24.62
C LEU C 184 34.03 81.70 -24.99
N ASP C 185 33.82 82.90 -24.43
CA ASP C 185 34.75 84.02 -24.68
C ASP C 185 34.78 85.01 -23.53
N THR C 186 35.77 85.92 -23.58
CA THR C 186 35.97 86.92 -22.52
C THR C 186 34.80 87.91 -22.45
N THR C 187 34.05 88.02 -23.54
CA THR C 187 32.89 88.92 -23.58
C THR C 187 31.80 88.43 -22.63
N VAL C 188 31.43 87.17 -22.73
CA VAL C 188 30.43 86.60 -21.84
C VAL C 188 30.96 86.62 -20.41
N GLN C 189 32.26 86.35 -20.26
CA GLN C 189 32.90 86.37 -18.95
C GLN C 189 32.73 87.72 -18.26
N ASP C 190 32.99 88.79 -19.01
CA ASP C 190 32.90 90.13 -18.45
C ASP C 190 31.44 90.53 -18.24
N ASN C 191 30.58 90.13 -19.17
CA ASN C 191 29.15 90.40 -19.09
C ASN C 191 28.50 89.84 -17.83
N LEU C 192 28.87 88.62 -17.45
CA LEU C 192 28.23 87.92 -16.35
C LEU C 192 28.92 88.12 -15.00
N TYR C 193 30.24 88.17 -15.01
CA TYR C 193 31.01 88.13 -13.76
C TYR C 193 31.90 89.36 -13.60
N GLY C 194 31.93 90.21 -14.61
CA GLY C 194 32.81 91.36 -14.58
C GLY C 194 34.23 90.99 -14.96
N SER C 195 35.18 91.78 -14.48
CA SER C 195 36.57 91.60 -14.85
C SER C 195 37.41 91.17 -13.65
N GLY C 196 38.61 90.69 -13.94
CA GLY C 196 39.51 90.22 -12.90
C GLY C 196 39.61 88.71 -12.83
N ASP C 197 40.69 88.22 -12.22
CA ASP C 197 40.90 86.80 -12.08
C ASP C 197 39.85 86.18 -11.16
N LYS C 198 39.13 85.18 -11.66
CA LYS C 198 38.06 84.59 -10.90
C LYS C 198 38.44 83.22 -10.32
N TYR C 199 37.84 82.88 -9.19
CA TYR C 199 38.12 81.60 -8.55
C TYR C 199 36.87 81.05 -7.87
N VAL C 200 36.84 79.73 -7.71
CA VAL C 200 35.84 79.08 -6.88
C VAL C 200 36.58 78.17 -5.91
N ARG C 201 36.46 78.45 -4.62
CA ARG C 201 37.17 77.68 -3.61
C ARG C 201 36.23 77.18 -2.54
N MET C 202 36.35 75.89 -2.22
CA MET C 202 35.51 75.27 -1.21
C MET C 202 36.33 74.33 -0.35
N GLY C 203 35.86 74.09 0.87
CA GLY C 203 36.61 73.27 1.79
C GLY C 203 35.83 72.80 3.00
N THR C 204 36.24 71.65 3.53
CA THR C 204 35.70 71.13 4.77
C THR C 204 36.87 70.70 5.62
N GLU C 205 36.57 70.01 6.72
CA GLU C 205 37.61 69.43 7.57
C GLU C 205 38.46 68.42 6.80
N SER C 206 37.88 67.78 5.79
CA SER C 206 38.59 66.73 5.04
C SER C 206 38.77 66.99 3.54
N MET C 207 38.21 68.08 3.01
CA MET C 207 38.32 68.35 1.57
C MET C 207 38.74 69.79 1.26
N ASN C 208 39.59 69.96 0.25
CA ASN C 208 39.88 71.26 -0.34
C ASN C 208 39.51 71.23 -1.83
N PHE C 209 38.91 72.31 -2.31
CA PHE C 209 38.60 72.44 -3.74
C PHE C 209 38.95 73.84 -4.24
N ALA C 210 39.58 73.91 -5.41
CA ALA C 210 39.89 75.19 -6.04
C ALA C 210 39.87 75.07 -7.55
N LYS C 211 39.13 75.95 -8.21
CA LYS C 211 39.05 75.94 -9.65
C LYS C 211 38.84 77.35 -10.20
N SER C 212 39.46 77.64 -11.35
CA SER C 212 39.26 78.90 -12.03
C SER C 212 38.66 78.66 -13.40
N PRO C 213 37.93 79.66 -13.93
CA PRO C 213 37.31 79.45 -15.25
C PRO C 213 38.34 79.31 -16.37
N GLU C 214 38.02 78.48 -17.35
CA GLU C 214 38.89 78.26 -18.49
C GLU C 214 38.14 78.62 -19.78
N ILE C 215 38.37 79.86 -20.23
CA ILE C 215 37.61 80.43 -21.34
C ILE C 215 38.09 79.91 -22.70
N ALA C 216 37.16 79.35 -23.45
CA ALA C 216 37.41 78.81 -24.78
C ALA C 216 36.09 78.37 -25.40
N ALA C 217 36.08 78.22 -26.72
CA ALA C 217 34.86 77.80 -27.40
C ALA C 217 34.89 76.31 -27.76
N ARG C 218 33.87 75.58 -27.31
CA ARG C 218 33.75 74.16 -27.62
C ARG C 218 32.60 73.98 -28.60
N PRO C 219 32.56 72.83 -29.31
CA PRO C 219 31.45 72.57 -30.22
C PRO C 219 30.11 72.71 -29.51
N ALA C 220 29.11 73.27 -30.19
CA ALA C 220 27.82 73.54 -29.57
C ALA C 220 27.11 72.27 -29.15
N VAL C 221 26.59 72.27 -27.93
CA VAL C 221 25.79 71.17 -27.41
C VAL C 221 24.58 71.76 -26.70
N ASN C 222 23.39 71.34 -27.13
CA ASN C 222 22.15 71.97 -26.69
C ASN C 222 22.21 73.48 -26.85
N GLY C 223 22.81 73.92 -27.97
CA GLY C 223 22.92 75.33 -28.28
C GLY C 223 24.01 76.09 -27.56
N GLN C 224 24.90 75.38 -26.86
CA GLN C 224 25.90 76.04 -26.03
C GLN C 224 27.33 75.67 -26.39
N ARG C 225 28.18 76.69 -26.55
CA ARG C 225 29.60 76.50 -26.80
C ARG C 225 30.39 76.74 -25.51
N SER C 226 29.68 77.16 -24.47
CA SER C 226 30.25 77.24 -23.14
C SER C 226 30.09 75.88 -22.43
N ARG C 227 30.69 75.75 -21.26
CA ARG C 227 30.59 74.51 -20.49
C ARG C 227 30.44 74.80 -19.00
N ILE C 228 29.93 73.82 -18.28
CA ILE C 228 29.97 73.84 -16.82
C ILE C 228 30.72 72.60 -16.34
N ASP C 229 31.62 72.80 -15.39
CA ASP C 229 32.21 71.67 -14.70
C ASP C 229 31.40 71.40 -13.44
N TYR C 230 30.67 70.30 -13.44
CA TYR C 230 29.87 69.92 -12.27
C TYR C 230 30.70 69.07 -11.31
N TYR C 231 30.42 69.20 -10.02
CA TYR C 231 31.13 68.45 -8.99
C TYR C 231 30.16 67.95 -7.93
N TRP C 232 30.57 66.92 -7.21
CA TRP C 232 29.78 66.41 -6.09
C TRP C 232 30.71 66.06 -4.96
N SER C 233 30.17 66.01 -3.75
CA SER C 233 30.94 65.60 -2.59
C SER C 233 29.99 65.13 -1.51
N VAL C 234 30.53 64.62 -0.42
CA VAL C 234 29.71 64.15 0.68
C VAL C 234 30.16 64.81 1.97
N LEU C 235 29.28 65.59 2.58
CA LEU C 235 29.61 66.27 3.82
C LEU C 235 29.25 65.37 4.98
N ARG C 236 30.28 64.89 5.69
CA ARG C 236 30.08 63.91 6.75
C ARG C 236 29.39 64.55 7.96
N PRO C 237 28.74 63.72 8.80
CA PRO C 237 28.14 64.24 10.03
C PRO C 237 29.17 64.92 10.93
N GLY C 238 28.89 66.16 11.32
CA GLY C 238 29.80 66.92 12.16
C GLY C 238 30.76 67.81 11.38
N GLU C 239 30.80 67.63 10.07
CA GLU C 239 31.67 68.44 9.22
C GLU C 239 30.97 69.72 8.76
N THR C 240 31.77 70.73 8.43
CA THR C 240 31.27 72.00 7.93
C THR C 240 31.82 72.31 6.55
N LEU C 241 30.96 72.84 5.67
CA LEU C 241 31.40 73.29 4.35
C LEU C 241 31.52 74.81 4.29
N ASN C 242 32.63 75.29 3.76
CA ASN C 242 32.81 76.71 3.48
C ASN C 242 32.92 76.97 1.97
N VAL C 243 32.10 77.88 1.46
CA VAL C 243 32.13 78.26 0.05
C VAL C 243 32.65 79.69 -0.08
N GLU C 244 33.58 79.90 -1.01
CA GLU C 244 34.11 81.23 -1.29
C GLU C 244 34.39 81.42 -2.78
N SER C 245 33.81 82.46 -3.36
CA SER C 245 33.97 82.73 -4.78
C SER C 245 33.84 84.21 -5.13
N ASN C 246 34.60 84.65 -6.13
CA ASN C 246 34.44 86.00 -6.67
C ASN C 246 33.87 85.95 -8.09
N GLY C 247 33.35 84.79 -8.50
CA GLY C 247 32.70 84.65 -9.79
C GLY C 247 32.71 83.24 -10.37
N ASN C 248 31.91 83.04 -11.41
CA ASN C 248 31.80 81.78 -12.14
C ASN C 248 31.32 80.60 -11.29
N LEU C 249 30.64 80.88 -10.18
CA LEU C 249 30.19 79.82 -9.30
C LEU C 249 28.76 79.36 -9.62
N ILE C 250 28.60 78.06 -9.88
CA ILE C 250 27.28 77.46 -9.90
C ILE C 250 27.09 76.91 -8.49
N ALA C 251 26.27 77.58 -7.70
CA ALA C 251 26.25 77.36 -6.26
C ALA C 251 25.35 76.19 -5.86
N PRO C 252 25.70 75.52 -4.75
CA PRO C 252 24.78 74.53 -4.17
C PRO C 252 23.56 75.21 -3.58
N TRP C 253 22.38 74.68 -3.85
CA TRP C 253 21.15 75.26 -3.35
C TRP C 253 20.42 74.24 -2.49
N TYR C 254 19.93 73.18 -3.13
CA TYR C 254 19.37 72.03 -2.42
C TYR C 254 20.33 70.84 -2.43
N ALA C 255 20.32 70.06 -1.34
CA ALA C 255 21.16 68.86 -1.22
C ALA C 255 20.36 67.70 -0.62
N TYR C 256 21.00 66.56 -0.42
CA TYR C 256 20.29 65.37 0.06
C TYR C 256 20.90 64.75 1.31
N LYS C 257 20.09 64.57 2.34
CA LYS C 257 20.49 63.73 3.46
C LYS C 257 20.47 62.29 2.95
N PHE C 258 21.59 61.59 3.10
CA PHE C 258 21.77 60.30 2.47
C PHE C 258 21.74 59.14 3.46
N VAL C 259 20.88 58.17 3.20
CA VAL C 259 20.77 57.00 4.06
C VAL C 259 21.36 55.79 3.36
N SER C 260 22.49 55.31 3.85
CA SER C 260 23.19 54.19 3.22
C SER C 260 22.59 52.85 3.66
N THR C 261 22.36 51.97 2.69
CA THR C 261 21.80 50.66 2.98
C THR C 261 22.86 49.72 3.57
N ASN C 262 22.43 48.84 4.46
CA ASN C 262 23.30 47.81 5.00
C ASN C 262 23.26 46.58 4.08
N LYS C 263 22.30 46.58 3.17
CA LYS C 263 22.14 45.49 2.20
C LYS C 263 23.04 45.70 0.97
N LYS C 264 22.80 44.89 -0.06
CA LYS C 264 23.47 45.04 -1.34
C LYS C 264 22.75 46.13 -2.14
N GLY C 265 23.50 46.91 -2.92
CA GLY C 265 22.87 47.90 -3.76
C GLY C 265 22.75 47.47 -5.21
N ALA C 266 21.75 48.02 -5.90
CA ALA C 266 21.61 47.70 -7.32
C ALA C 266 21.05 48.87 -8.14
N VAL C 267 21.59 49.03 -9.34
CA VAL C 267 21.06 49.94 -10.33
C VAL C 267 20.87 49.13 -11.62
N PHE C 268 19.62 48.88 -11.97
CA PHE C 268 19.31 48.08 -13.15
C PHE C 268 18.96 48.96 -14.34
N LYS C 269 19.69 48.82 -15.44
CA LYS C 269 19.38 49.57 -16.65
C LYS C 269 18.57 48.68 -17.57
N SER C 270 17.27 48.94 -17.65
CA SER C 270 16.34 48.01 -18.27
C SER C 270 15.05 48.68 -18.73
N ASP C 271 14.37 48.04 -19.69
CA ASP C 271 13.09 48.52 -20.19
C ASP C 271 11.91 47.78 -19.58
N LEU C 272 12.21 46.82 -18.70
CA LEU C 272 11.17 45.95 -18.13
C LEU C 272 10.19 46.73 -17.24
N PRO C 273 8.91 46.32 -17.25
CA PRO C 273 7.86 46.96 -16.46
C PRO C 273 7.96 46.70 -14.97
N ILE C 274 7.73 47.74 -14.17
CA ILE C 274 7.56 47.57 -12.73
C ILE C 274 6.09 47.34 -12.44
N GLU C 275 5.75 46.20 -11.84
CA GLU C 275 4.36 45.90 -11.58
C GLU C 275 4.09 45.83 -10.08
N ASN C 276 2.84 45.59 -9.71
CA ASN C 276 2.50 45.51 -8.30
C ASN C 276 2.62 44.07 -7.85
N CYS C 277 3.80 43.74 -7.33
CA CYS C 277 4.16 42.36 -7.05
C CYS C 277 5.31 42.31 -6.06
N ASP C 278 5.46 41.17 -5.42
CA ASP C 278 6.53 40.97 -4.46
C ASP C 278 7.49 39.91 -4.97
N ALA C 279 8.74 39.99 -4.53
CA ALA C 279 9.75 39.02 -4.92
C ALA C 279 10.81 38.95 -3.84
N THR C 280 11.48 37.80 -3.75
CA THR C 280 12.62 37.67 -2.86
C THR C 280 13.91 37.73 -3.66
N CYS C 281 13.81 37.40 -4.95
CA CYS C 281 14.98 37.45 -5.83
C CYS C 281 14.64 38.20 -7.11
N GLN C 282 15.35 39.30 -7.35
CA GLN C 282 15.14 40.12 -8.54
C GLN C 282 16.40 40.28 -9.38
N THR C 283 16.42 39.70 -10.58
CA THR C 283 17.55 39.89 -11.47
C THR C 283 17.25 41.02 -12.45
N ILE C 284 18.29 41.48 -13.15
CA ILE C 284 18.14 42.58 -14.09
C ILE C 284 17.22 42.20 -15.25
N THR C 285 17.07 40.91 -15.52
CA THR C 285 16.21 40.47 -16.60
C THR C 285 14.91 39.83 -16.10
N GLY C 286 14.66 39.89 -14.80
CA GLY C 286 13.42 39.38 -14.27
C GLY C 286 13.45 38.73 -12.89
N VAL C 287 12.26 38.40 -12.40
CA VAL C 287 12.09 37.80 -11.08
C VAL C 287 12.33 36.29 -11.11
N LEU C 288 12.96 35.76 -10.07
CA LEU C 288 13.07 34.31 -9.90
C LEU C 288 12.23 33.88 -8.71
N ARG C 289 11.24 33.02 -8.97
CA ARG C 289 10.45 32.39 -7.91
C ARG C 289 10.75 30.90 -7.90
N THR C 290 11.73 30.51 -7.10
CA THR C 290 12.27 29.16 -7.18
C THR C 290 12.94 28.75 -5.88
N ASN C 291 13.02 27.44 -5.64
CA ASN C 291 13.79 26.94 -4.51
C ASN C 291 15.09 26.29 -5.01
N LYS C 292 15.32 26.35 -6.31
CA LYS C 292 16.47 25.69 -6.91
C LYS C 292 17.80 26.34 -6.56
N THR C 293 18.87 25.58 -6.69
CA THR C 293 20.19 25.96 -6.19
C THR C 293 20.96 26.82 -7.18
N PHE C 294 20.73 26.57 -8.46
CA PHE C 294 21.44 27.31 -9.49
C PHE C 294 20.44 28.01 -10.41
N GLN C 295 20.92 28.99 -11.17
CA GLN C 295 20.10 29.68 -12.15
C GLN C 295 20.99 30.15 -13.30
N ASN C 296 20.46 30.19 -14.51
CA ASN C 296 21.22 30.64 -15.66
C ASN C 296 20.60 31.90 -16.28
N VAL C 297 19.82 32.62 -15.47
CA VAL C 297 19.12 33.81 -15.96
C VAL C 297 20.05 35.02 -16.05
N SER C 298 20.68 35.37 -14.93
CA SER C 298 21.56 36.54 -14.87
C SER C 298 22.44 36.56 -13.63
N PRO C 299 23.70 37.01 -13.81
CA PRO C 299 24.63 37.23 -12.69
C PRO C 299 24.33 38.50 -11.91
N LEU C 300 23.45 39.35 -12.42
CA LEU C 300 23.13 40.63 -11.76
C LEU C 300 21.77 40.57 -11.09
N TRP C 301 21.78 40.74 -9.76
CA TRP C 301 20.52 40.66 -9.02
C TRP C 301 20.63 41.31 -7.65
N ILE C 302 19.47 41.52 -7.02
CA ILE C 302 19.40 41.97 -5.64
C ILE C 302 18.45 41.00 -4.93
N GLY C 303 18.63 40.83 -3.63
CA GLY C 303 17.83 39.87 -2.88
C GLY C 303 18.52 38.53 -2.74
N GLU C 304 17.79 37.51 -2.31
CA GLU C 304 18.35 36.18 -2.13
C GLU C 304 18.13 35.30 -3.36
N CYS C 305 19.17 35.17 -4.18
CA CYS C 305 19.05 34.47 -5.46
C CYS C 305 19.89 33.20 -5.54
N PRO C 306 19.51 32.26 -6.42
CA PRO C 306 20.35 31.08 -6.66
C PRO C 306 21.66 31.46 -7.34
N LYS C 307 22.66 30.59 -7.23
CA LYS C 307 23.95 30.84 -7.86
C LYS C 307 23.86 30.82 -9.39
N TYR C 308 24.47 31.81 -10.03
CA TYR C 308 24.47 31.87 -11.49
C TYR C 308 25.54 30.97 -12.10
N VAL C 309 25.15 30.18 -13.10
CA VAL C 309 26.08 29.38 -13.90
C VAL C 309 25.65 29.45 -15.36
N LYS C 310 26.54 29.05 -16.26
CA LYS C 310 26.23 29.02 -17.69
C LYS C 310 25.44 27.79 -18.12
N SER C 311 25.31 26.81 -17.23
CA SER C 311 24.72 25.51 -17.58
C SER C 311 23.26 25.60 -18.03
N GLU C 312 22.88 24.70 -18.94
CA GLU C 312 21.49 24.58 -19.38
C GLU C 312 20.68 23.77 -18.38
N SER C 313 21.34 22.80 -17.73
CA SER C 313 20.67 21.88 -16.82
C SER C 313 21.69 21.25 -15.88
N LEU C 314 21.29 21.08 -14.63
CA LEU C 314 22.10 20.37 -13.65
C LEU C 314 21.21 19.37 -12.92
N ARG C 315 20.92 18.26 -13.59
CA ARG C 315 20.03 17.25 -13.01
C ARG C 315 20.81 16.13 -12.33
N LEU C 316 20.56 15.97 -11.03
CA LEU C 316 21.10 14.85 -10.24
C LEU C 316 20.21 13.62 -10.25
N ALA C 317 20.81 12.47 -10.50
CA ALA C 317 20.12 11.21 -10.25
C ALA C 317 19.89 11.05 -8.75
N THR C 318 18.71 10.56 -8.40
CA THR C 318 18.44 10.17 -7.02
C THR C 318 18.03 8.70 -7.04
N GLY C 319 17.18 8.35 -7.98
CA GLY C 319 16.82 6.96 -8.20
C GLY C 319 17.83 6.23 -9.05
N LEU C 320 17.41 5.14 -9.66
CA LEU C 320 18.35 4.23 -10.30
C LEU C 320 18.06 4.11 -11.79
N ARG C 321 18.97 3.45 -12.50
CA ARG C 321 18.83 3.21 -13.93
C ARG C 321 17.47 2.54 -14.21
N ASN C 322 16.67 3.18 -15.06
CA ASN C 322 15.31 2.71 -15.31
C ASN C 322 15.29 1.67 -16.41
N VAL C 323 15.00 0.41 -16.06
CA VAL C 323 15.02 -0.66 -17.03
C VAL C 323 13.71 -1.47 -17.01
N PRO C 324 12.60 -0.86 -17.51
CA PRO C 324 11.31 -1.57 -17.53
C PRO C 324 11.32 -2.68 -18.58
N GLN C 325 10.60 -3.78 -18.36
CA GLN C 325 10.74 -4.95 -19.25
C GLN C 325 9.55 -5.36 -20.11
N ILE C 326 8.34 -4.92 -19.78
CA ILE C 326 7.10 -5.33 -20.46
C ILE C 326 7.08 -6.81 -20.84
N GLY D 1 26.98 -2.83 -15.17
CA GLY D 1 27.50 -1.86 -14.22
C GLY D 1 28.57 -2.42 -13.31
N ILE D 2 29.13 -1.55 -12.47
CA ILE D 2 30.25 -1.86 -11.61
C ILE D 2 29.99 -3.04 -10.67
N PHE D 3 28.77 -3.18 -10.15
CA PHE D 3 28.54 -4.29 -9.24
C PHE D 3 27.78 -5.44 -9.90
N GLY D 4 27.48 -5.28 -11.19
CA GLY D 4 27.00 -6.38 -12.01
C GLY D 4 25.55 -6.82 -11.86
N ALA D 5 24.79 -6.12 -11.02
CA ALA D 5 23.41 -6.52 -10.75
C ALA D 5 22.41 -5.78 -11.65
N ILE D 6 22.28 -4.47 -11.47
CA ILE D 6 21.32 -3.68 -12.25
C ILE D 6 21.69 -3.70 -13.73
N ALA D 7 20.72 -4.03 -14.59
CA ALA D 7 20.98 -4.27 -16.01
C ALA D 7 22.15 -5.24 -16.18
N GLY D 8 22.27 -6.17 -15.24
CA GLY D 8 23.36 -7.13 -15.21
C GLY D 8 22.82 -8.54 -15.15
N PHE D 9 23.18 -9.30 -14.12
CA PHE D 9 22.68 -10.66 -14.00
C PHE D 9 21.21 -10.62 -13.63
N ILE D 10 20.73 -9.46 -13.19
CA ILE D 10 19.29 -9.20 -13.10
C ILE D 10 18.97 -8.22 -14.22
N GLU D 11 18.52 -8.76 -15.34
CA GLU D 11 18.47 -8.04 -16.63
C GLU D 11 17.63 -6.78 -16.62
N GLY D 12 16.56 -6.76 -15.84
CA GLY D 12 15.64 -5.65 -15.87
C GLY D 12 14.98 -5.35 -14.54
N GLY D 13 14.31 -4.20 -14.47
CA GLY D 13 13.59 -3.79 -13.28
C GLY D 13 12.15 -4.24 -13.28
N TRP D 14 11.47 -4.04 -12.15
CA TRP D 14 10.08 -4.41 -11.96
C TRP D 14 9.15 -3.21 -11.84
N THR D 15 8.35 -2.94 -12.88
CA THR D 15 7.32 -1.92 -12.78
C THR D 15 6.26 -2.32 -11.76
N GLY D 16 6.16 -3.63 -11.50
CA GLY D 16 5.24 -4.17 -10.52
C GLY D 16 5.52 -3.78 -9.08
N MET D 17 6.78 -3.49 -8.76
CA MET D 17 7.16 -3.12 -7.41
C MET D 17 7.23 -1.60 -7.26
N ILE D 18 6.16 -1.00 -6.75
CA ILE D 18 5.99 0.45 -6.81
C ILE D 18 6.32 1.15 -5.49
N ASP D 19 6.53 0.39 -4.42
CA ASP D 19 6.66 1.00 -3.10
C ASP D 19 8.08 1.02 -2.56
N GLY D 20 9.05 0.65 -3.39
CA GLY D 20 10.44 0.73 -2.97
C GLY D 20 11.44 0.62 -4.11
N TRP D 21 12.70 0.96 -3.82
CA TRP D 21 13.76 0.88 -4.83
C TRP D 21 14.26 -0.53 -5.03
N TYR D 22 14.39 -1.28 -3.93
CA TYR D 22 14.87 -2.67 -3.99
C TYR D 22 13.87 -3.56 -3.28
N GLY D 23 13.77 -4.82 -3.71
CA GLY D 23 12.88 -5.74 -3.03
C GLY D 23 12.74 -7.13 -3.61
N TYR D 24 11.57 -7.72 -3.43
CA TYR D 24 11.39 -9.13 -3.75
C TYR D 24 10.14 -9.44 -4.56
N HIS D 25 10.19 -10.55 -5.28
CA HIS D 25 9.01 -11.16 -5.85
C HIS D 25 8.98 -12.64 -5.48
N HIS D 26 7.90 -13.08 -4.84
CA HIS D 26 7.80 -14.48 -4.41
C HIS D 26 6.67 -15.21 -5.14
N GLU D 27 6.78 -16.53 -5.23
CA GLU D 27 5.72 -17.39 -5.72
C GLU D 27 5.58 -18.60 -4.84
N ASN D 28 4.38 -18.85 -4.33
CA ASN D 28 4.09 -20.08 -3.60
C ASN D 28 2.63 -20.46 -3.79
N SER D 29 2.15 -21.43 -3.00
CA SER D 29 0.79 -21.95 -3.13
C SER D 29 -0.26 -20.85 -2.97
N GLN D 30 0.04 -19.86 -2.15
CA GLN D 30 -0.90 -18.78 -1.89
C GLN D 30 -0.84 -17.71 -2.99
N GLY D 31 -0.01 -17.95 -4.01
CA GLY D 31 0.08 -17.03 -5.12
C GLY D 31 1.41 -16.28 -5.18
N SER D 32 1.41 -15.15 -5.88
CA SER D 32 2.64 -14.39 -6.09
C SER D 32 2.45 -12.90 -5.84
N GLY D 33 3.55 -12.21 -5.58
CA GLY D 33 3.50 -10.78 -5.34
C GLY D 33 4.84 -10.07 -5.23
N TYR D 34 4.80 -8.75 -5.30
CA TYR D 34 5.97 -7.91 -5.13
C TYR D 34 6.00 -7.32 -3.72
N ALA D 35 7.20 -7.22 -3.14
CA ALA D 35 7.34 -6.53 -1.86
C ALA D 35 8.68 -5.80 -1.81
N ALA D 36 8.64 -4.56 -1.36
CA ALA D 36 9.85 -3.78 -1.21
C ALA D 36 10.59 -4.22 0.04
N ASP D 37 11.91 -4.25 -0.03
CA ASP D 37 12.71 -4.40 1.18
C ASP D 37 12.83 -3.02 1.80
N ARG D 38 12.16 -2.84 2.93
CA ARG D 38 11.99 -1.51 3.53
C ARG D 38 13.30 -0.96 4.07
N GLU D 39 14.09 -1.82 4.69
CA GLU D 39 15.33 -1.42 5.34
C GLU D 39 16.38 -0.89 4.36
N SER D 40 16.65 -1.65 3.29
CA SER D 40 17.68 -1.25 2.34
C SER D 40 17.20 -0.04 1.54
N THR D 41 15.93 -0.02 1.19
CA THR D 41 15.34 1.12 0.48
C THR D 41 15.44 2.39 1.30
N GLN D 42 15.07 2.31 2.58
CA GLN D 42 15.06 3.50 3.43
C GLN D 42 16.48 4.00 3.67
N LYS D 43 17.40 3.07 3.86
CA LYS D 43 18.80 3.40 4.06
C LYS D 43 19.33 4.14 2.83
N ALA D 44 18.89 3.72 1.65
CA ALA D 44 19.29 4.36 0.41
C ALA D 44 18.66 5.74 0.24
N ILE D 45 17.37 5.85 0.58
CA ILE D 45 16.70 7.14 0.55
C ILE D 45 17.40 8.13 1.49
N ASP D 46 17.80 7.68 2.68
CA ASP D 46 18.46 8.57 3.64
C ASP D 46 19.81 9.04 3.11
N GLY D 47 20.57 8.11 2.55
CA GLY D 47 21.87 8.43 2.00
C GLY D 47 21.83 9.41 0.85
N ILE D 48 20.98 9.13 -0.14
CA ILE D 48 20.83 9.97 -1.32
C ILE D 48 20.30 11.35 -0.96
N THR D 49 19.36 11.40 -0.02
CA THR D 49 18.82 12.68 0.46
C THR D 49 19.91 13.51 1.09
N ASN D 50 20.74 12.85 1.88
CA ASN D 50 21.87 13.51 2.53
C ASN D 50 22.85 14.05 1.49
N LYS D 51 23.07 13.27 0.43
CA LYS D 51 23.97 13.68 -0.65
C LYS D 51 23.45 14.92 -1.36
N VAL D 52 22.18 14.89 -1.73
CA VAL D 52 21.55 16.03 -2.40
C VAL D 52 21.62 17.26 -1.48
N ASN D 53 21.20 17.13 -0.23
CA ASN D 53 21.24 18.23 0.71
C ASN D 53 22.66 18.75 0.97
N SER D 54 23.64 17.85 1.01
CA SER D 54 25.04 18.27 1.20
C SER D 54 25.52 19.09 0.01
N ILE D 55 25.16 18.66 -1.20
CA ILE D 55 25.56 19.39 -2.40
C ILE D 55 24.92 20.77 -2.41
N ILE D 56 23.64 20.82 -2.07
CA ILE D 56 22.93 22.08 -2.01
C ILE D 56 23.58 23.04 -1.00
N ASN D 57 23.95 22.50 0.16
CA ASN D 57 24.57 23.32 1.21
C ASN D 57 25.95 23.85 0.80
N LYS D 58 26.73 23.04 0.09
CA LYS D 58 28.07 23.47 -0.30
C LYS D 58 28.00 24.51 -1.42
N MET D 59 26.91 24.48 -2.17
CA MET D 59 26.70 25.41 -3.29
C MET D 59 25.95 26.66 -2.86
N ASN D 60 25.89 26.89 -1.55
CA ASN D 60 24.98 27.87 -0.97
C ASN D 60 25.55 29.28 -0.82
N THR D 61 26.66 29.56 -1.48
CA THR D 61 27.19 30.93 -1.52
C THR D 61 27.02 31.45 -2.94
N GLN D 62 27.05 32.76 -3.12
CA GLN D 62 26.97 33.31 -4.47
C GLN D 62 28.08 34.32 -4.71
N PHE D 63 28.71 34.24 -5.88
CA PHE D 63 29.57 35.34 -6.31
C PHE D 63 28.66 36.40 -6.92
N GLU D 64 28.90 37.66 -6.59
CA GLU D 64 28.02 38.72 -7.06
C GLU D 64 28.71 39.69 -8.02
N ALA D 65 28.22 39.74 -9.25
CA ALA D 65 28.65 40.73 -10.21
C ALA D 65 28.05 42.09 -9.84
N VAL D 66 28.70 43.17 -10.25
CA VAL D 66 28.20 44.52 -9.95
C VAL D 66 27.77 45.30 -11.19
N ASP D 67 27.01 46.35 -10.96
CA ASP D 67 26.57 47.25 -12.03
C ASP D 67 27.54 48.42 -12.27
N HIS D 68 28.69 48.40 -11.62
CA HIS D 68 29.61 49.54 -11.66
C HIS D 68 30.07 49.87 -13.06
N GLU D 69 30.17 51.17 -13.34
CA GLU D 69 30.59 51.65 -14.65
C GLU D 69 32.03 52.11 -14.61
N PHE D 70 32.67 52.09 -15.77
CA PHE D 70 34.03 52.57 -15.90
C PHE D 70 34.16 53.51 -17.09
N SER D 71 34.93 54.57 -16.92
CA SER D 71 35.07 55.59 -17.96
C SER D 71 35.99 55.14 -19.09
N ASN D 72 36.16 56.01 -20.07
CA ASN D 72 37.01 55.75 -21.23
C ASN D 72 38.48 55.62 -20.83
N LEU D 73 38.83 56.23 -19.70
CA LEU D 73 40.20 56.17 -19.22
C LEU D 73 40.36 55.14 -18.10
N GLU D 74 39.38 54.24 -18.00
CA GLU D 74 39.41 53.17 -17.01
C GLU D 74 39.25 51.79 -17.67
N ARG D 75 39.81 51.66 -18.86
CA ARG D 75 39.76 50.41 -19.61
C ARG D 75 40.42 49.24 -18.87
N ARG D 76 41.52 49.52 -18.18
CA ARG D 76 42.25 48.46 -17.49
C ARG D 76 41.48 47.91 -16.28
N ILE D 77 40.99 48.78 -15.39
CA ILE D 77 40.26 48.26 -14.24
C ILE D 77 38.87 47.75 -14.66
N GLY D 78 38.30 48.33 -15.71
CA GLY D 78 37.04 47.83 -16.24
C GLY D 78 37.20 46.41 -16.75
N ASN D 79 38.31 46.16 -17.43
CA ASN D 79 38.59 44.84 -17.98
C ASN D 79 38.99 43.87 -16.87
N LEU D 80 39.62 44.40 -15.83
CA LEU D 80 39.99 43.60 -14.68
C LEU D 80 38.72 43.03 -14.03
N ASN D 81 37.73 43.89 -13.83
CA ASN D 81 36.47 43.46 -13.24
C ASN D 81 35.77 42.39 -14.10
N LYS D 82 35.78 42.58 -15.42
CA LYS D 82 35.14 41.63 -16.31
C LYS D 82 35.82 40.27 -16.29
N ARG D 83 37.15 40.26 -16.37
CA ARG D 83 37.88 38.99 -16.35
C ARG D 83 37.74 38.29 -15.00
N MET D 84 37.65 39.07 -13.93
CA MET D 84 37.41 38.49 -12.62
C MET D 84 36.03 37.83 -12.54
N GLU D 85 35.00 38.56 -12.95
CA GLU D 85 33.62 38.06 -12.88
C GLU D 85 33.44 36.85 -13.78
N ASP D 86 33.98 36.93 -15.00
CA ASP D 86 33.97 35.78 -15.89
C ASP D 86 34.76 34.63 -15.30
N GLY D 87 35.82 34.95 -14.57
CA GLY D 87 36.66 33.92 -13.96
C GLY D 87 35.93 33.05 -12.96
N PHE D 88 35.18 33.68 -12.06
CA PHE D 88 34.44 32.94 -11.04
C PHE D 88 33.25 32.23 -11.66
N LEU D 89 32.64 32.85 -12.66
CA LEU D 89 31.57 32.23 -13.41
C LEU D 89 32.06 30.92 -14.05
N ASP D 90 33.27 30.91 -14.59
CA ASP D 90 33.80 29.69 -15.20
C ASP D 90 34.14 28.64 -14.15
N VAL D 91 34.73 29.06 -13.04
CA VAL D 91 35.07 28.14 -11.95
C VAL D 91 33.80 27.46 -11.43
N TRP D 92 32.75 28.22 -11.13
CA TRP D 92 31.55 27.64 -10.55
C TRP D 92 30.77 26.79 -11.54
N THR D 93 30.76 27.18 -12.81
CA THR D 93 30.12 26.36 -13.84
C THR D 93 30.83 25.02 -13.95
N TYR D 94 32.17 25.04 -13.93
CA TYR D 94 32.97 23.83 -13.91
C TYR D 94 32.62 22.97 -12.69
N ASN D 95 32.70 23.57 -11.50
CA ASN D 95 32.44 22.83 -10.26
C ASN D 95 31.09 22.13 -10.29
N ALA D 96 30.05 22.84 -10.71
CA ALA D 96 28.70 22.30 -10.72
C ALA D 96 28.54 21.17 -11.74
N GLU D 97 28.99 21.41 -12.97
CA GLU D 97 28.79 20.43 -14.04
C GLU D 97 29.61 19.16 -13.80
N LEU D 98 30.85 19.31 -13.34
CA LEU D 98 31.71 18.17 -13.09
C LEU D 98 31.18 17.35 -11.92
N LEU D 99 30.77 18.05 -10.85
CA LEU D 99 30.25 17.37 -9.66
C LEU D 99 28.99 16.55 -10.00
N VAL D 100 28.12 17.12 -10.81
CA VAL D 100 26.89 16.42 -11.19
C VAL D 100 27.21 15.15 -11.99
N LEU D 101 28.15 15.24 -12.94
CA LEU D 101 28.54 14.07 -13.72
C LEU D 101 29.17 12.99 -12.84
N LEU D 102 30.04 13.39 -11.94
CA LEU D 102 30.70 12.47 -11.03
C LEU D 102 29.72 11.81 -10.06
N GLU D 103 28.84 12.60 -9.45
CA GLU D 103 27.92 12.05 -8.47
C GLU D 103 26.84 11.18 -9.10
N ASN D 104 26.44 11.49 -10.33
CA ASN D 104 25.48 10.66 -11.02
C ASN D 104 26.04 9.27 -11.27
N GLU D 105 27.32 9.20 -11.65
CA GLU D 105 27.96 7.92 -11.84
C GLU D 105 28.00 7.12 -10.53
N ARG D 106 28.28 7.80 -9.43
CA ARG D 106 28.49 7.12 -8.16
C ARG D 106 27.16 6.73 -7.53
N THR D 107 26.14 7.56 -7.71
CA THR D 107 24.79 7.27 -7.23
C THR D 107 24.23 6.01 -7.87
N LEU D 108 24.38 5.90 -9.18
CA LEU D 108 23.91 4.71 -9.90
C LEU D 108 24.67 3.45 -9.44
N ASP D 109 25.96 3.60 -9.15
CA ASP D 109 26.78 2.50 -8.63
C ASP D 109 26.28 2.07 -7.26
N LEU D 110 25.96 3.07 -6.43
CA LEU D 110 25.41 2.81 -5.10
C LEU D 110 24.16 1.93 -5.18
N HIS D 111 23.23 2.25 -6.07
CA HIS D 111 22.03 1.44 -6.25
C HIS D 111 22.37 0.02 -6.72
N ASP D 112 23.31 -0.07 -7.66
CA ASP D 112 23.78 -1.33 -8.18
C ASP D 112 24.32 -2.23 -7.07
N ALA D 113 25.13 -1.66 -6.19
CA ALA D 113 25.70 -2.40 -5.06
C ALA D 113 24.63 -2.85 -4.07
N ASN D 114 23.67 -1.98 -3.77
CA ASN D 114 22.61 -2.32 -2.83
C ASN D 114 21.77 -3.52 -3.31
N VAL D 115 21.53 -3.59 -4.61
CA VAL D 115 20.80 -4.71 -5.19
C VAL D 115 21.65 -5.96 -5.05
N LYS D 116 22.94 -5.85 -5.40
CA LYS D 116 23.88 -6.95 -5.27
C LYS D 116 23.95 -7.44 -3.83
N ASN D 117 24.02 -6.52 -2.88
CA ASN D 117 24.16 -6.94 -1.48
C ASN D 117 22.90 -7.61 -0.97
N LEU D 118 21.73 -7.16 -1.44
CA LEU D 118 20.46 -7.76 -1.06
C LEU D 118 20.37 -9.19 -1.56
N TYR D 119 20.76 -9.39 -2.82
CA TYR D 119 20.85 -10.71 -3.42
C TYR D 119 21.76 -11.64 -2.60
N GLU D 120 22.94 -11.15 -2.20
CA GLU D 120 23.89 -11.94 -1.42
C GLU D 120 23.33 -12.34 -0.07
N LYS D 121 22.55 -11.45 0.51
CA LYS D 121 22.00 -11.64 1.85
C LYS D 121 20.99 -12.78 1.84
N VAL D 122 20.29 -12.94 0.72
CA VAL D 122 19.31 -14.02 0.57
C VAL D 122 20.01 -15.33 0.25
N LYS D 123 20.97 -15.28 -0.68
CA LYS D 123 21.78 -16.45 -1.03
C LYS D 123 22.40 -17.06 0.22
N SER D 124 22.91 -16.19 1.09
CA SER D 124 23.57 -16.61 2.32
C SER D 124 22.63 -17.35 3.28
N GLN D 125 21.39 -16.90 3.40
CA GLN D 125 20.42 -17.55 4.29
C GLN D 125 19.99 -18.92 3.76
N LEU D 126 19.76 -19.01 2.46
CA LEU D 126 19.13 -20.19 1.87
C LEU D 126 20.10 -21.37 1.73
N ARG D 127 21.35 -21.07 1.38
CA ARG D 127 22.37 -22.10 1.20
C ARG D 127 21.90 -23.10 0.13
N ASP D 128 21.97 -24.40 0.45
CA ASP D 128 21.58 -25.40 -0.53
C ASP D 128 20.13 -25.85 -0.37
N ASN D 129 19.37 -25.18 0.49
CA ASN D 129 17.92 -25.41 0.58
C ASN D 129 17.19 -24.82 -0.63
N ALA D 130 17.91 -24.11 -1.50
CA ALA D 130 17.30 -23.57 -2.71
C ALA D 130 18.26 -23.61 -3.88
N ASN D 131 17.71 -23.58 -5.09
CA ASN D 131 18.49 -23.57 -6.31
C ASN D 131 18.57 -22.16 -6.91
N ASP D 132 19.80 -21.69 -7.14
CA ASP D 132 20.04 -20.35 -7.68
C ASP D 132 19.94 -20.40 -9.21
N LEU D 133 18.96 -19.69 -9.76
CA LEU D 133 18.72 -19.73 -11.20
C LEU D 133 19.63 -18.79 -11.99
N GLY D 134 20.43 -18.00 -11.28
CA GLY D 134 21.38 -17.12 -11.94
C GLY D 134 20.84 -15.76 -12.38
N ASN D 135 19.55 -15.54 -12.18
CA ASN D 135 18.91 -14.28 -12.57
C ASN D 135 18.35 -13.53 -11.37
N GLY D 136 18.90 -13.82 -10.19
CA GLY D 136 18.39 -13.26 -8.95
C GLY D 136 17.25 -14.06 -8.33
N CYS D 137 16.87 -15.16 -8.95
CA CYS D 137 15.78 -15.97 -8.44
C CYS D 137 16.27 -17.26 -7.77
N PHE D 138 15.55 -17.68 -6.73
CA PHE D 138 15.86 -18.92 -6.03
C PHE D 138 14.65 -19.84 -6.02
N GLU D 139 14.84 -21.09 -6.43
CA GLU D 139 13.79 -22.10 -6.34
C GLU D 139 14.01 -22.99 -5.13
N PHE D 140 13.06 -22.98 -4.21
CA PHE D 140 13.19 -23.74 -2.98
C PHE D 140 13.09 -25.26 -3.20
N TRP D 141 13.90 -26.02 -2.48
CA TRP D 141 13.81 -27.48 -2.51
C TRP D 141 12.78 -27.96 -1.49
N HIS D 142 12.08 -27.01 -0.89
CA HIS D 142 11.08 -27.31 0.12
C HIS D 142 9.89 -26.37 -0.07
N LYS D 143 8.77 -26.67 0.57
CA LYS D 143 7.62 -25.76 0.53
C LYS D 143 7.87 -24.57 1.44
N CYS D 144 7.68 -23.38 0.91
CA CYS D 144 7.93 -22.15 1.66
C CYS D 144 6.67 -21.28 1.65
N ASP D 145 5.91 -21.32 2.74
CA ASP D 145 4.65 -20.58 2.81
C ASP D 145 4.93 -19.09 3.03
N ASN D 146 3.87 -18.33 3.29
CA ASN D 146 3.99 -16.88 3.47
C ASN D 146 4.92 -16.49 4.63
N GLU D 147 4.91 -17.25 5.71
CA GLU D 147 5.74 -16.91 6.86
C GLU D 147 7.20 -17.31 6.63
N CYS D 148 7.40 -18.39 5.87
CA CYS D 148 8.74 -18.77 5.45
C CYS D 148 9.32 -17.70 4.53
N MET D 149 8.52 -17.27 3.55
CA MET D 149 8.89 -16.17 2.66
C MET D 149 9.24 -14.91 3.43
N GLU D 150 8.41 -14.57 4.41
CA GLU D 150 8.60 -13.36 5.19
C GLU D 150 9.88 -13.47 6.03
N SER D 151 10.24 -14.69 6.44
CA SER D 151 11.44 -14.88 7.24
C SER D 151 12.69 -14.65 6.39
N VAL D 152 12.63 -15.04 5.12
CA VAL D 152 13.72 -14.78 4.19
C VAL D 152 13.89 -13.26 4.03
N LYS D 153 12.78 -12.55 3.89
CA LYS D 153 12.80 -11.13 3.62
C LYS D 153 13.23 -10.31 4.83
N ASN D 154 12.98 -10.80 6.05
CA ASN D 154 13.35 -10.04 7.23
C ASN D 154 14.59 -10.62 7.91
N GLY D 155 15.25 -11.55 7.22
CA GLY D 155 16.54 -12.04 7.64
C GLY D 155 16.58 -13.12 8.72
N THR D 156 15.43 -13.72 9.02
CA THR D 156 15.37 -14.73 10.09
C THR D 156 15.08 -16.14 9.59
N TYR D 157 15.27 -16.39 8.30
CA TYR D 157 15.02 -17.69 7.69
C TYR D 157 15.72 -18.81 8.45
N ASP D 158 15.01 -19.92 8.64
CA ASP D 158 15.47 -21.04 9.45
C ASP D 158 15.98 -22.18 8.57
N TYR D 159 17.27 -22.16 8.25
CA TYR D 159 17.87 -23.19 7.40
C TYR D 159 17.75 -24.62 7.97
N PRO D 160 18.04 -24.82 9.28
CA PRO D 160 17.93 -26.19 9.79
C PRO D 160 16.52 -26.77 9.72
N LYS D 161 15.52 -25.93 9.94
CA LYS D 161 14.11 -26.36 9.92
C LYS D 161 13.74 -27.06 8.61
N TYR D 162 14.25 -26.56 7.49
CA TYR D 162 13.90 -27.12 6.19
C TYR D 162 15.03 -27.96 5.58
N GLN D 163 16.09 -28.16 6.35
CA GLN D 163 17.27 -28.84 5.83
C GLN D 163 16.98 -30.25 5.32
N LYS D 164 16.31 -31.06 6.15
CA LYS D 164 16.09 -32.47 5.82
C LYS D 164 15.21 -32.65 4.58
N GLU D 165 14.09 -31.91 4.55
CA GLU D 165 13.17 -31.96 3.41
C GLU D 165 13.81 -31.53 2.12
N SER D 166 14.60 -30.46 2.17
CA SER D 166 15.35 -29.98 1.03
C SER D 166 16.37 -31.02 0.57
N LYS D 167 17.05 -31.61 1.54
CA LYS D 167 18.03 -32.66 1.27
C LYS D 167 17.44 -33.83 0.49
N LEU D 168 16.24 -34.26 0.89
CA LEU D 168 15.56 -35.36 0.22
C LEU D 168 15.18 -35.03 -1.22
N ASN D 169 14.59 -33.84 -1.41
CA ASN D 169 14.15 -33.42 -2.75
C ASN D 169 15.33 -33.11 -3.65
N ARG D 170 16.40 -32.57 -3.07
CA ARG D 170 17.62 -32.28 -3.81
C ARG D 170 18.26 -33.56 -4.31
N GLN D 171 18.12 -34.63 -3.53
CA GLN D 171 18.72 -35.92 -3.85
C GLN D 171 17.65 -37.00 -4.05
#